data_8J7E
#
_entry.id   8J7E
#
_cell.length_a   116.319
_cell.length_b   116.319
_cell.length_c   212.326
_cell.angle_alpha   90.000
_cell.angle_beta   90.000
_cell.angle_gamma   120.000
#
_symmetry.space_group_name_H-M   'P 31 2 1'
#
loop_
_entity.id
_entity.type
_entity.pdbx_description
1 polymer 'Antibody 1b3 Fab Heavy chain'
2 polymer 'Antibody 1b3 Fab Light chain'
3 polymer 'Soluble cytochrome b562'
4 water water
#
loop_
_entity_poly.entity_id
_entity_poly.type
_entity_poly.pdbx_seq_one_letter_code
_entity_poly.pdbx_strand_id
1 'polypeptide(L)'
;EVQLVESGGGLVQPGGSLRLSCAASGFNIYYSSMHWVRQAPGKGLEWVASISPYSGSTYYADSVKGRFTISADTSKNTAY
LQMNSLRAEDTAVYYCARPWYPWSYWSGLDYWGQGTLVTVSSASTKGPSVFPLAPSSKSTSGGTAALGCLVKDYFPEPVT
VSWNSGALTSGVHTFPAVLQSSGLYSLSSVVTVPSSSLGTQTYICNVNHKPSNTKVDKKVEPKSCGSLEHHHHHH
;
A,C
2 'polypeptide(L)'
;MKYLLPTAAAGLLLLAAQPAMADIQMTQSPSSLSASVGDRVTITCRASQSVSSAVAWYQQKPGKAPKLLIYSASSLYSGV
PSRFSGSRSGTDFTLTISSLQPEDFATYYCQQPWSWGSALITFGQGTKVEIKRTVAAPSVFIFPPSDSQLKSGTASVVCL
LNNFYPREAKVQWKVDNALQSGNSQESVTEQDSKDSTYSLSSTLTLSKADYEKHKVYACEVTHQGLSSPVTKSFNRG
;
B,D
3 'polypeptide(L)'
;ADLEDNWETLNDNLKVIEKADNAAQVKDALTKMRAAALDAQKATPPKLEDKSPDSPEMKDFRHGFDILVGQIDDALKLAN
EGKVKEAQAAAEQLKTTRNAYIQKYL
;
E,F
#
# COMPACT_ATOMS: atom_id res chain seq x y z
N GLU A 1 5.14 -24.80 31.99
CA GLU A 1 4.64 -23.61 31.30
C GLU A 1 5.70 -22.99 30.40
N VAL A 2 5.36 -22.81 29.13
CA VAL A 2 6.30 -22.36 28.11
C VAL A 2 6.33 -20.84 28.10
N GLN A 3 7.54 -20.28 28.14
CA GLN A 3 7.70 -18.83 28.14
C GLN A 3 8.74 -18.42 27.10
N LEU A 4 8.42 -17.36 26.35
CA LEU A 4 9.33 -16.78 25.37
C LEU A 4 9.49 -15.29 25.66
N VAL A 5 10.70 -14.89 26.01
CA VAL A 5 11.00 -13.53 26.43
C VAL A 5 12.03 -12.95 25.47
N GLU A 6 11.66 -11.89 24.76
CA GLU A 6 12.48 -11.34 23.70
C GLU A 6 13.29 -10.14 24.16
N SER A 7 14.32 -9.82 23.38
CA SER A 7 15.14 -8.65 23.63
C SER A 7 16.05 -8.43 22.43
N GLY A 8 16.69 -7.27 22.40
CA GLY A 8 17.58 -6.90 21.33
C GLY A 8 17.04 -5.83 20.41
N GLY A 9 15.74 -5.62 20.38
CA GLY A 9 15.16 -4.57 19.57
C GLY A 9 15.63 -3.20 20.03
N GLY A 10 15.32 -2.22 19.21
CA GLY A 10 15.72 -0.87 19.51
C GLY A 10 15.82 -0.07 18.22
N LEU A 11 16.85 0.77 18.16
CA LEU A 11 17.06 1.65 17.03
C LEU A 11 18.26 1.19 16.22
N VAL A 12 18.21 1.45 14.92
CA VAL A 12 19.29 1.11 14.01
C VAL A 12 19.08 1.93 12.74
N GLN A 13 20.15 2.27 12.08
CA GLN A 13 20.00 3.06 10.87
C GLN A 13 19.91 2.17 9.64
N PRO A 14 19.35 2.68 8.55
CA PRO A 14 19.32 1.90 7.31
C PRO A 14 20.70 1.36 6.99
N GLY A 15 20.74 0.07 6.66
CA GLY A 15 22.00 -0.61 6.40
C GLY A 15 22.67 -1.16 7.62
N GLY A 16 22.23 -0.79 8.82
CA GLY A 16 22.81 -1.31 10.02
C GLY A 16 22.44 -2.75 10.30
N SER A 17 22.92 -3.23 11.44
CA SER A 17 22.72 -4.61 11.87
C SER A 17 22.15 -4.63 13.29
N LEU A 18 21.37 -5.66 13.56
CA LEU A 18 20.74 -5.77 14.86
C LEU A 18 20.38 -7.23 15.06
N ARG A 19 20.58 -7.72 16.27
CA ARG A 19 20.35 -9.13 16.59
C ARG A 19 19.31 -9.23 17.69
N LEU A 20 18.20 -9.90 17.39
CA LEU A 20 17.12 -10.11 18.34
C LEU A 20 17.31 -11.45 19.06
N SER A 21 16.89 -11.47 20.32
CA SER A 21 16.97 -12.66 21.15
C SER A 21 15.58 -13.15 21.51
N CYS A 22 15.37 -14.47 21.37
CA CYS A 22 14.18 -15.11 21.89
C CYS A 22 14.63 -16.13 22.93
N ALA A 23 14.51 -15.77 24.21
CA ALA A 23 14.93 -16.61 25.33
C ALA A 23 13.80 -17.56 25.71
N ALA A 24 14.09 -18.87 25.67
CA ALA A 24 13.06 -19.87 25.94
C ALA A 24 13.19 -20.43 27.35
N SER A 25 12.04 -20.60 28.01
CA SER A 25 11.98 -21.25 29.31
C SER A 25 10.80 -22.20 29.34
N GLY A 26 10.97 -23.33 30.01
CA GLY A 26 9.92 -24.33 30.11
C GLY A 26 10.03 -25.49 29.15
N PHE A 27 11.05 -25.50 28.28
CA PHE A 27 11.26 -26.56 27.31
C PHE A 27 12.67 -26.43 26.78
N ASN A 28 13.14 -27.48 26.11
CA ASN A 28 14.51 -27.50 25.58
C ASN A 28 14.46 -27.06 24.13
N ILE A 29 14.96 -25.85 23.85
CA ILE A 29 14.88 -25.21 22.53
C ILE A 29 15.48 -26.09 21.44
N TYR A 30 16.29 -27.08 21.84
CA TYR A 30 16.87 -27.99 20.86
C TYR A 30 15.77 -28.75 20.11
N TYR A 31 14.76 -29.23 20.83
CA TYR A 31 13.68 -30.00 20.22
C TYR A 31 12.47 -29.08 20.09
N SER A 32 12.44 -28.35 18.98
CA SER A 32 11.38 -27.39 18.70
C SER A 32 11.61 -26.88 17.29
N SER A 33 10.64 -26.13 16.79
CA SER A 33 10.87 -25.24 15.66
C SER A 33 10.50 -23.84 16.12
N MET A 34 11.46 -22.93 16.05
CA MET A 34 11.28 -21.56 16.48
C MET A 34 11.04 -20.71 15.23
N HIS A 35 10.11 -19.75 15.33
CA HIS A 35 9.73 -18.94 14.19
C HIS A 35 9.77 -17.47 14.57
N TRP A 36 10.16 -16.62 13.64
CA TRP A 36 10.06 -15.17 13.78
C TRP A 36 8.90 -14.69 12.93
N VAL A 37 8.00 -13.91 13.54
CA VAL A 37 6.89 -13.28 12.85
C VAL A 37 6.90 -11.81 13.20
N ARG A 38 6.86 -10.94 12.19
CA ARG A 38 6.95 -9.50 12.38
C ARG A 38 5.69 -8.81 11.90
N GLN A 39 5.54 -7.56 12.31
CA GLN A 39 4.31 -6.81 12.05
C GLN A 39 4.66 -5.33 12.02
N ALA A 40 4.53 -4.70 10.85
CA ALA A 40 4.87 -3.29 10.75
C ALA A 40 3.77 -2.44 11.37
N PRO A 41 4.12 -1.24 11.88
CA PRO A 41 3.11 -0.39 12.54
C PRO A 41 1.83 -0.29 11.72
N GLY A 42 0.75 -0.85 12.26
CA GLY A 42 -0.56 -0.76 11.65
C GLY A 42 -0.88 -1.79 10.59
N LYS A 43 0.07 -2.68 10.26
CA LYS A 43 -0.17 -3.69 9.24
C LYS A 43 -0.35 -5.06 9.91
N GLY A 44 -0.24 -6.11 9.11
CA GLY A 44 -0.55 -7.45 9.56
C GLY A 44 0.68 -8.29 9.89
N LEU A 45 0.42 -9.53 10.27
CA LEU A 45 1.49 -10.45 10.61
C LEU A 45 2.17 -10.96 9.36
N GLU A 46 3.49 -11.00 9.39
CA GLU A 46 4.26 -11.53 8.28
C GLU A 46 5.30 -12.50 8.84
N TRP A 47 5.22 -13.75 8.43
CA TRP A 47 6.21 -14.74 8.85
C TRP A 47 7.52 -14.47 8.12
N VAL A 48 8.63 -14.71 8.83
CA VAL A 48 9.94 -14.21 8.41
C VAL A 48 10.97 -15.33 8.33
N ALA A 49 11.08 -16.15 9.36
CA ALA A 49 12.06 -17.23 9.33
C ALA A 49 11.70 -18.29 10.37
N SER A 50 12.23 -19.49 10.18
CA SER A 50 12.11 -20.52 11.21
C SER A 50 13.31 -21.45 11.17
N ILE A 51 13.60 -22.05 12.33
CA ILE A 51 14.72 -22.97 12.48
C ILE A 51 14.28 -24.14 13.33
N SER A 52 14.65 -25.35 12.92
CA SER A 52 14.54 -26.52 13.79
C SER A 52 15.94 -26.81 14.31
N PRO A 53 16.28 -26.39 15.53
CA PRO A 53 17.69 -26.50 15.95
C PRO A 53 18.28 -27.89 15.82
N TYR A 54 17.63 -28.89 16.43
CA TYR A 54 18.14 -30.26 16.41
C TYR A 54 18.54 -30.74 15.02
N SER A 55 17.81 -30.32 13.98
CA SER A 55 18.14 -30.79 12.64
C SER A 55 18.88 -29.75 11.81
N GLY A 56 18.83 -28.48 12.22
CA GLY A 56 19.44 -27.42 11.46
C GLY A 56 18.63 -26.93 10.28
N SER A 57 17.46 -27.53 10.01
CA SER A 57 16.66 -27.08 8.89
C SER A 57 16.18 -25.66 9.16
N THR A 58 16.27 -24.82 8.12
CA THR A 58 16.09 -23.37 8.26
C THR A 58 15.30 -22.84 7.08
N TYR A 59 14.36 -21.94 7.33
CA TYR A 59 13.57 -21.38 6.25
C TYR A 59 13.38 -19.89 6.44
N TYR A 60 13.16 -19.19 5.32
CA TYR A 60 13.14 -17.73 5.26
C TYR A 60 12.06 -17.24 4.30
N ALA A 61 11.40 -16.15 4.66
CA ALA A 61 10.57 -15.45 3.69
C ALA A 61 11.45 -14.75 2.66
N ASP A 62 10.91 -14.55 1.47
CA ASP A 62 11.66 -13.93 0.39
C ASP A 62 12.11 -12.51 0.75
N SER A 63 11.27 -11.78 1.50
CA SER A 63 11.53 -10.39 1.82
C SER A 63 12.77 -10.20 2.68
N VAL A 64 13.28 -11.25 3.31
CA VAL A 64 14.46 -11.15 4.16
C VAL A 64 15.54 -12.12 3.75
N LYS A 65 15.32 -12.92 2.70
CA LYS A 65 16.30 -13.90 2.30
C LYS A 65 17.61 -13.20 1.92
N GLY A 66 18.72 -13.76 2.39
CA GLY A 66 20.03 -13.17 2.17
C GLY A 66 20.41 -12.07 3.15
N ARG A 67 19.45 -11.44 3.82
CA ARG A 67 19.74 -10.39 4.78
C ARG A 67 19.63 -10.86 6.22
N PHE A 68 18.67 -11.72 6.54
CA PHE A 68 18.46 -12.19 7.90
C PHE A 68 19.02 -13.60 8.04
N THR A 69 19.24 -13.99 9.30
CA THR A 69 19.86 -15.28 9.58
C THR A 69 19.38 -15.74 10.94
N ILE A 70 18.53 -16.77 10.96
CA ILE A 70 18.01 -17.30 12.21
C ILE A 70 18.97 -18.38 12.71
N SER A 71 19.01 -18.57 14.02
CA SER A 71 19.96 -19.49 14.65
C SER A 71 19.51 -19.75 16.07
N ALA A 72 20.18 -20.69 16.73
CA ALA A 72 19.85 -21.02 18.10
C ALA A 72 21.11 -21.42 18.84
N ASP A 73 21.17 -21.05 20.12
CA ASP A 73 22.21 -21.50 21.04
C ASP A 73 21.52 -22.33 22.10
N THR A 74 21.71 -23.65 22.04
CA THR A 74 20.93 -24.51 22.93
C THR A 74 21.38 -24.37 24.38
N SER A 75 22.68 -24.16 24.62
CA SER A 75 23.15 -23.97 25.99
C SER A 75 22.52 -22.74 26.61
N LYS A 76 22.38 -21.66 25.85
CA LYS A 76 21.65 -20.51 26.33
C LYS A 76 20.14 -20.66 26.18
N ASN A 77 19.68 -21.69 25.46
CA ASN A 77 18.26 -21.97 25.29
C ASN A 77 17.53 -20.78 24.67
N THR A 78 18.21 -20.09 23.75
CA THR A 78 17.59 -18.97 23.05
C THR A 78 17.85 -19.08 21.56
N ALA A 79 16.92 -18.56 20.77
CA ALA A 79 17.04 -18.41 19.34
C ALA A 79 17.28 -16.94 18.99
N TYR A 80 17.88 -16.72 17.81
CA TYR A 80 18.31 -15.39 17.39
C TYR A 80 17.81 -15.08 15.99
N LEU A 81 17.67 -13.80 15.70
CA LEU A 81 17.42 -13.32 14.34
C LEU A 81 18.47 -12.24 14.04
N GLN A 82 19.53 -12.63 13.34
CA GLN A 82 20.53 -11.67 12.87
C GLN A 82 20.00 -10.91 11.67
N MET A 83 19.85 -9.59 11.80
CA MET A 83 19.28 -8.74 10.76
C MET A 83 20.36 -7.84 10.19
N ASN A 84 20.79 -8.12 8.96
CA ASN A 84 21.77 -7.28 8.29
C ASN A 84 21.08 -6.50 7.18
N SER A 85 21.78 -5.47 6.69
CA SER A 85 21.33 -4.66 5.57
C SER A 85 19.89 -4.19 5.75
N LEU A 86 19.58 -3.72 6.95
CA LEU A 86 18.22 -3.36 7.30
C LEU A 86 17.73 -2.15 6.47
N ARG A 87 16.41 -2.05 6.35
CA ARG A 87 15.78 -0.94 5.63
C ARG A 87 14.57 -0.47 6.42
N ALA A 88 14.01 0.66 6.01
CA ALA A 88 12.89 1.24 6.75
C ALA A 88 11.70 0.28 6.81
N GLU A 89 11.47 -0.50 5.74
CA GLU A 89 10.35 -1.42 5.72
C GLU A 89 10.52 -2.54 6.73
N ASP A 90 11.73 -2.76 7.23
CA ASP A 90 11.91 -3.70 8.31
C ASP A 90 11.47 -3.14 9.67
N THR A 91 10.97 -1.90 9.73
CA THR A 91 10.43 -1.38 10.99
C THR A 91 9.19 -2.16 11.39
N ALA A 92 9.26 -2.83 12.53
CA ALA A 92 8.16 -3.69 12.96
C ALA A 92 8.39 -4.14 14.39
N VAL A 93 7.30 -4.58 15.03
CA VAL A 93 7.40 -5.41 16.22
C VAL A 93 7.68 -6.84 15.77
N TYR A 94 8.79 -7.40 16.25
CA TYR A 94 9.19 -8.77 15.91
C TYR A 94 8.80 -9.72 17.04
N TYR A 95 8.03 -10.76 16.71
CA TYR A 95 7.66 -11.81 17.65
C TYR A 95 8.47 -13.07 17.35
N CYS A 96 8.67 -13.89 18.37
CA CYS A 96 9.05 -15.28 18.14
C CYS A 96 7.91 -16.19 18.57
N ALA A 97 7.78 -17.31 17.87
CA ALA A 97 6.68 -18.23 18.11
C ALA A 97 7.19 -19.65 17.97
N ARG A 98 6.37 -20.59 18.45
CA ARG A 98 6.73 -21.98 18.46
C ARG A 98 5.45 -22.81 18.46
N PRO A 99 5.39 -23.87 17.66
CA PRO A 99 4.22 -24.76 17.66
C PRO A 99 4.27 -25.79 18.79
N TRP A 100 3.18 -26.57 18.88
CA TRP A 100 3.05 -27.59 19.91
C TRP A 100 4.17 -28.61 19.83
N TYR A 101 4.29 -29.29 18.68
CA TYR A 101 5.42 -30.16 18.41
C TYR A 101 6.33 -29.51 17.38
N PRO A 102 7.62 -29.86 17.39
CA PRO A 102 8.58 -29.23 16.45
C PRO A 102 8.15 -29.32 14.99
N TRP A 103 7.17 -30.18 14.70
CA TRP A 103 6.73 -30.44 13.33
C TRP A 103 5.29 -30.02 13.09
N SER A 104 4.66 -29.29 14.02
CA SER A 104 3.26 -28.94 13.87
C SER A 104 3.05 -27.46 13.56
N TYR A 105 4.05 -26.81 12.94
CA TYR A 105 3.91 -25.40 12.57
C TYR A 105 2.70 -25.17 11.67
N TRP A 106 2.36 -26.12 10.79
CA TRP A 106 1.26 -25.87 9.87
C TRP A 106 -0.10 -25.92 10.56
N SER A 107 -0.18 -26.49 11.77
CA SER A 107 -1.42 -26.51 12.52
C SER A 107 -1.65 -25.26 13.34
N GLY A 108 -0.59 -24.51 13.63
CA GLY A 108 -0.68 -23.27 14.38
C GLY A 108 0.56 -23.06 15.24
N LEU A 109 0.80 -21.79 15.58
CA LEU A 109 1.87 -21.41 16.50
C LEU A 109 1.25 -21.13 17.87
N ASP A 110 1.51 -22.04 18.83
CA ASP A 110 0.83 -21.97 20.12
C ASP A 110 1.40 -20.88 21.01
N TYR A 111 2.71 -20.79 21.10
CA TYR A 111 3.38 -19.91 22.06
C TYR A 111 4.02 -18.74 21.36
N TRP A 112 3.90 -17.57 21.96
CA TRP A 112 4.42 -16.34 21.36
C TRP A 112 5.22 -15.56 22.40
N GLY A 113 6.31 -14.96 21.95
CA GLY A 113 6.98 -13.96 22.74
C GLY A 113 6.13 -12.71 22.84
N GLN A 114 6.59 -11.79 23.69
CA GLN A 114 5.87 -10.54 23.87
C GLN A 114 6.15 -9.56 22.73
N GLY A 115 7.21 -9.77 21.95
CA GLY A 115 7.51 -8.86 20.86
C GLY A 115 8.45 -7.75 21.29
N THR A 116 9.33 -7.35 20.37
CA THR A 116 10.22 -6.22 20.57
C THR A 116 10.19 -5.31 19.35
N LEU A 117 10.16 -4.00 19.58
CA LEU A 117 10.05 -3.04 18.49
C LEU A 117 11.42 -2.76 17.89
N VAL A 118 11.50 -2.77 16.56
CA VAL A 118 12.71 -2.40 15.83
C VAL A 118 12.36 -1.22 14.95
N THR A 119 13.08 -0.11 15.12
CA THR A 119 12.82 1.08 14.33
C THR A 119 14.05 1.39 13.49
N VAL A 120 13.89 1.32 12.17
CA VAL A 120 14.97 1.60 11.24
C VAL A 120 14.76 3.01 10.70
N SER A 121 15.78 3.85 10.89
CA SER A 121 15.71 5.28 10.66
C SER A 121 17.11 5.83 10.84
N SER A 122 17.44 6.85 10.05
CA SER A 122 18.70 7.55 10.23
C SER A 122 18.59 8.69 11.25
N ALA A 123 17.39 8.94 11.78
CA ALA A 123 17.21 9.97 12.78
C ALA A 123 17.98 9.64 14.06
N SER A 124 18.43 10.69 14.76
CA SER A 124 19.02 10.57 16.08
C SER A 124 17.97 10.83 17.14
N THR A 125 18.08 10.11 18.26
CA THR A 125 17.16 10.33 19.36
C THR A 125 17.12 11.81 19.73
N LYS A 126 15.92 12.33 19.87
CA LYS A 126 15.69 13.75 20.08
C LYS A 126 14.39 13.93 20.83
N GLY A 127 14.43 14.71 21.91
CA GLY A 127 13.24 14.97 22.68
C GLY A 127 12.27 15.83 21.90
N PRO A 128 11.03 15.93 22.36
CA PRO A 128 10.01 16.66 21.62
C PRO A 128 10.00 18.14 21.98
N SER A 129 9.27 18.90 21.17
CA SER A 129 8.89 20.27 21.50
C SER A 129 7.40 20.28 21.77
N VAL A 130 7.01 20.82 22.92
CA VAL A 130 5.61 20.87 23.33
C VAL A 130 5.10 22.29 23.18
N PHE A 131 3.96 22.43 22.49
CA PHE A 131 3.31 23.70 22.27
C PHE A 131 1.87 23.63 22.76
N PRO A 132 1.35 24.73 23.28
CA PRO A 132 -0.02 24.72 23.78
C PRO A 132 -1.04 24.81 22.66
N LEU A 133 -2.21 24.23 22.93
CA LEU A 133 -3.39 24.37 22.09
C LEU A 133 -4.42 25.03 22.99
N ALA A 134 -4.44 26.38 22.94
CA ALA A 134 -5.18 27.18 23.91
C ALA A 134 -6.68 27.16 23.58
N PRO A 135 -7.53 27.11 24.60
CA PRO A 135 -8.98 27.07 24.37
C PRO A 135 -9.47 28.36 23.73
N SER A 136 -10.28 28.21 22.69
CA SER A 136 -10.95 29.33 22.03
C SER A 136 -11.61 30.24 23.06
N SER A 137 -11.32 31.54 22.95
CA SER A 137 -11.98 32.52 23.81
C SER A 137 -13.49 32.45 23.64
N LYS A 138 -13.96 32.30 22.40
CA LYS A 138 -15.38 32.25 22.08
C LYS A 138 -15.80 30.80 21.92
N SER A 139 -15.98 30.13 23.06
CA SER A 139 -16.61 28.83 23.18
C SER A 139 -17.89 28.98 23.99
N THR A 140 -18.68 27.90 24.05
CA THR A 140 -20.02 27.92 24.65
C THR A 140 -19.98 28.54 26.04
N SER A 141 -20.76 29.61 26.23
CA SER A 141 -20.69 30.43 27.45
C SER A 141 -20.74 29.58 28.72
N GLY A 142 -21.51 28.50 28.70
CA GLY A 142 -21.55 27.58 29.82
C GLY A 142 -21.38 26.13 29.42
N GLY A 143 -20.95 25.89 28.18
CA GLY A 143 -20.83 24.54 27.68
C GLY A 143 -19.44 23.93 27.80
N THR A 144 -18.94 23.36 26.70
CA THR A 144 -17.70 22.60 26.69
C THR A 144 -16.59 23.40 26.00
N ALA A 145 -15.38 23.28 26.53
CA ALA A 145 -14.19 23.86 25.94
C ALA A 145 -13.15 22.76 25.70
N ALA A 146 -12.34 22.95 24.66
CA ALA A 146 -11.30 22.00 24.30
C ALA A 146 -9.93 22.67 24.34
N LEU A 147 -8.97 22.01 24.97
CA LEU A 147 -7.60 22.48 25.04
C LEU A 147 -6.67 21.28 24.94
N GLY A 148 -5.41 21.53 24.62
CA GLY A 148 -4.49 20.42 24.51
C GLY A 148 -3.05 20.88 24.33
N CYS A 149 -2.20 19.90 24.00
CA CYS A 149 -0.78 20.12 23.76
C CYS A 149 -0.36 19.46 22.46
N LEU A 150 0.55 20.11 21.74
CA LEU A 150 1.12 19.59 20.50
C LEU A 150 2.55 19.16 20.80
N VAL A 151 2.80 17.86 20.74
CA VAL A 151 4.12 17.29 20.98
C VAL A 151 4.76 17.05 19.62
N LYS A 152 5.82 17.79 19.30
CA LYS A 152 6.30 17.89 17.94
C LYS A 152 7.80 17.59 17.86
N ASP A 153 8.18 16.86 16.81
CA ASP A 153 9.56 16.66 16.39
C ASP A 153 10.40 15.85 17.38
N TYR A 154 9.94 14.65 17.74
CA TYR A 154 10.71 13.74 18.59
C TYR A 154 10.98 12.42 17.88
N PHE A 155 12.03 11.74 18.32
CA PHE A 155 12.37 10.43 17.79
C PHE A 155 13.14 9.69 18.87
N PRO A 156 12.82 8.41 19.12
CA PRO A 156 11.80 7.58 18.48
C PRO A 156 10.53 7.59 19.28
N GLU A 157 9.58 6.75 18.87
CA GLU A 157 8.44 6.44 19.72
C GLU A 157 8.91 5.69 20.96
N PRO A 158 8.22 5.88 22.09
CA PRO A 158 6.96 6.60 22.29
C PRO A 158 7.09 7.83 23.17
N VAL A 159 6.01 8.62 23.27
CA VAL A 159 5.90 9.64 24.31
C VAL A 159 4.66 9.32 25.12
N THR A 160 4.70 9.65 26.40
CA THR A 160 3.55 9.57 27.29
C THR A 160 3.03 10.96 27.56
N VAL A 161 1.72 11.16 27.44
CA VAL A 161 1.08 12.41 27.84
C VAL A 161 0.10 12.11 28.96
N SER A 162 0.15 12.92 30.00
CA SER A 162 -0.86 12.93 31.04
C SER A 162 -1.25 14.38 31.31
N TRP A 163 -2.30 14.55 32.09
CA TRP A 163 -2.84 15.86 32.36
C TRP A 163 -2.99 16.02 33.86
N ASN A 164 -2.50 17.14 34.40
CA ASN A 164 -2.55 17.42 35.83
C ASN A 164 -2.04 16.22 36.62
N SER A 165 -1.01 15.57 36.08
CA SER A 165 -0.27 14.48 36.72
C SER A 165 -1.15 13.27 37.01
N GLY A 166 -2.20 13.06 36.22
CA GLY A 166 -3.12 11.94 36.41
C GLY A 166 -4.47 12.35 36.97
N ALA A 167 -4.53 13.48 37.67
CA ALA A 167 -5.80 13.99 38.17
C ALA A 167 -6.80 14.27 37.06
N LEU A 168 -6.36 14.31 35.79
CA LEU A 168 -7.21 14.62 34.66
C LEU A 168 -7.16 13.47 33.67
N THR A 169 -8.23 12.69 33.60
CA THR A 169 -8.28 11.59 32.66
C THR A 169 -9.56 11.56 31.83
N SER A 170 -10.71 11.89 32.43
CA SER A 170 -11.94 11.96 31.67
C SER A 170 -11.83 12.98 30.56
N GLY A 171 -12.19 12.59 29.35
CA GLY A 171 -12.15 13.48 28.21
C GLY A 171 -10.80 13.60 27.54
N VAL A 172 -9.77 12.93 28.06
CA VAL A 172 -8.45 13.00 27.44
C VAL A 172 -8.46 12.18 26.15
N HIS A 173 -7.72 12.66 25.15
CA HIS A 173 -7.57 11.98 23.86
C HIS A 173 -6.16 12.26 23.37
N THR A 174 -5.26 11.31 23.55
CA THR A 174 -3.90 11.42 23.03
C THR A 174 -3.82 10.66 21.72
N PHE A 175 -3.49 11.37 20.65
CA PHE A 175 -3.64 10.80 19.33
C PHE A 175 -2.41 9.98 18.95
N PRO A 176 -2.57 9.02 18.04
CA PRO A 176 -1.40 8.34 17.49
C PRO A 176 -0.44 9.34 16.87
N ALA A 177 0.85 9.12 17.08
CA ALA A 177 1.84 9.95 16.43
C ALA A 177 1.84 9.70 14.93
N VAL A 178 2.10 10.75 14.17
CA VAL A 178 2.29 10.64 12.75
C VAL A 178 3.76 10.87 12.46
N LEU A 179 4.28 10.18 11.44
CA LEU A 179 5.68 10.27 11.07
C LEU A 179 5.84 11.38 10.04
N GLN A 180 6.27 12.56 10.49
CA GLN A 180 6.55 13.66 9.58
C GLN A 180 7.67 13.28 8.62
N SER A 181 7.69 13.96 7.46
CA SER A 181 8.64 13.64 6.40
C SER A 181 10.08 13.96 6.78
N SER A 182 10.30 14.70 7.87
CA SER A 182 11.64 14.89 8.42
C SER A 182 12.19 13.64 9.08
N GLY A 183 11.35 12.63 9.33
CA GLY A 183 11.77 11.47 10.08
C GLY A 183 11.42 11.52 11.54
N LEU A 184 10.92 12.64 12.03
CA LEU A 184 10.55 12.81 13.43
C LEU A 184 9.04 12.69 13.57
N TYR A 185 8.61 12.26 14.75
CA TYR A 185 7.20 12.06 15.03
C TYR A 185 6.60 13.34 15.62
N SER A 186 5.28 13.46 15.50
CA SER A 186 4.56 14.50 16.21
C SER A 186 3.15 13.99 16.47
N LEU A 187 2.60 14.37 17.62
CA LEU A 187 1.25 14.01 17.99
C LEU A 187 0.64 15.16 18.77
N SER A 188 -0.65 15.06 19.02
CA SER A 188 -1.35 15.98 19.87
C SER A 188 -2.11 15.19 20.93
N SER A 189 -2.37 15.86 22.06
CA SER A 189 -3.21 15.31 23.11
C SER A 189 -4.17 16.40 23.53
N VAL A 190 -5.46 16.07 23.58
CA VAL A 190 -6.51 17.03 23.85
C VAL A 190 -7.37 16.54 25.00
N VAL A 191 -8.03 17.49 25.66
CA VAL A 191 -9.01 17.19 26.71
C VAL A 191 -10.10 18.24 26.63
N THR A 192 -11.34 17.80 26.79
CA THR A 192 -12.48 18.69 26.89
C THR A 192 -12.78 18.95 28.35
N VAL A 193 -13.15 20.20 28.66
CA VAL A 193 -13.39 20.63 30.03
C VAL A 193 -14.63 21.52 30.05
N PRO A 194 -15.22 21.72 31.23
CA PRO A 194 -16.28 22.73 31.34
C PRO A 194 -15.75 24.11 31.03
N SER A 195 -16.50 24.85 30.19
CA SER A 195 -16.10 26.20 29.82
C SER A 195 -15.89 27.07 31.05
N SER A 196 -16.65 26.82 32.12
CA SER A 196 -16.58 27.62 33.33
C SER A 196 -15.26 27.47 34.06
N SER A 197 -14.64 26.28 33.98
CA SER A 197 -13.41 26.03 34.71
C SER A 197 -12.20 26.75 34.10
N LEU A 198 -12.37 27.37 32.93
CA LEU A 198 -11.21 27.93 32.22
C LEU A 198 -10.54 29.01 33.05
N GLY A 199 -11.34 29.94 33.59
CA GLY A 199 -10.78 31.05 34.34
C GLY A 199 -10.22 30.68 35.69
N THR A 200 -10.66 29.56 36.26
CA THR A 200 -10.28 29.17 37.61
C THR A 200 -9.32 27.98 37.65
N GLN A 201 -9.73 26.84 37.11
CA GLN A 201 -8.96 25.60 37.22
C GLN A 201 -7.77 25.61 36.26
N THR A 202 -6.72 24.90 36.66
CA THR A 202 -5.42 24.95 35.99
C THR A 202 -5.13 23.64 35.26
N TYR A 203 -4.73 23.76 33.99
CA TYR A 203 -4.52 22.60 33.13
C TYR A 203 -3.08 22.56 32.66
N ILE A 204 -2.35 21.51 33.06
CA ILE A 204 -0.98 21.26 32.66
C ILE A 204 -0.88 19.88 32.03
N CYS A 205 -0.19 19.80 30.89
CA CYS A 205 0.10 18.52 30.24
C CYS A 205 1.53 18.10 30.57
N ASN A 206 1.69 16.83 30.94
CA ASN A 206 2.98 16.28 31.32
C ASN A 206 3.42 15.35 30.20
N VAL A 207 4.49 15.72 29.51
CA VAL A 207 4.95 15.00 28.33
C VAL A 207 6.28 14.36 28.68
N ASN A 208 6.30 13.04 28.75
CA ASN A 208 7.51 12.28 29.02
C ASN A 208 7.96 11.58 27.75
N HIS A 209 9.25 11.69 27.45
CA HIS A 209 9.87 10.99 26.31
C HIS A 209 11.07 10.20 26.84
N LYS A 210 10.80 9.00 27.37
CA LYS A 210 11.87 8.19 27.97
C LYS A 210 13.10 8.00 27.09
N PRO A 211 13.00 7.73 25.77
CA PRO A 211 14.23 7.46 25.01
C PRO A 211 15.29 8.54 25.13
N SER A 212 14.89 9.82 25.11
CA SER A 212 15.82 10.94 25.22
C SER A 212 15.98 11.45 26.64
N ASN A 213 15.17 10.95 27.58
CA ASN A 213 15.17 11.42 28.97
C ASN A 213 14.74 12.88 29.04
N THR A 214 13.66 13.18 28.34
CA THR A 214 13.10 14.52 28.26
C THR A 214 11.72 14.48 28.90
N LYS A 215 11.44 15.44 29.78
CA LYS A 215 10.11 15.54 30.38
C LYS A 215 9.74 17.01 30.42
N VAL A 216 8.61 17.34 29.78
CA VAL A 216 8.19 18.71 29.59
C VAL A 216 6.79 18.86 30.16
N ASP A 217 6.66 19.70 31.20
CA ASP A 217 5.37 20.08 31.74
C ASP A 217 5.05 21.46 31.19
N LYS A 218 3.97 21.57 30.42
CA LYS A 218 3.59 22.81 29.77
C LYS A 218 2.19 23.19 30.22
N LYS A 219 2.02 24.42 30.68
CA LYS A 219 0.75 24.93 31.14
C LYS A 219 -0.02 25.54 29.98
N VAL A 220 -1.31 25.23 29.91
CA VAL A 220 -2.18 25.68 28.82
C VAL A 220 -3.25 26.57 29.41
N GLU A 221 -3.39 27.77 28.85
CA GLU A 221 -4.35 28.77 29.30
C GLU A 221 -4.81 29.58 28.09
N PRO A 222 -5.90 30.34 28.21
CA PRO A 222 -6.29 31.22 27.10
C PRO A 222 -5.29 32.35 26.87
N THR B 27 2.75 -4.30 4.71
CA THR B 27 2.25 -3.95 3.39
C THR B 27 0.74 -3.67 3.39
N GLN B 28 -0.04 -4.57 3.99
CA GLN B 28 -1.49 -4.51 3.97
C GLN B 28 -2.06 -4.14 5.34
N SER B 29 -3.11 -3.30 5.34
CA SER B 29 -3.80 -3.00 6.58
C SER B 29 -4.97 -3.95 6.78
N PRO B 30 -5.40 -4.14 8.04
CA PRO B 30 -6.53 -5.04 8.29
C PRO B 30 -7.82 -4.47 7.73
N SER B 31 -8.66 -5.36 7.21
CA SER B 31 -10.03 -5.00 6.91
C SER B 31 -10.77 -4.67 8.20
N SER B 32 -11.89 -3.99 8.07
CA SER B 32 -12.69 -3.66 9.24
C SER B 32 -14.13 -4.12 9.05
N LEU B 33 -14.79 -4.34 10.18
CA LEU B 33 -16.14 -4.90 10.18
C LEU B 33 -16.83 -4.43 11.46
N SER B 34 -18.03 -3.90 11.32
CA SER B 34 -18.80 -3.38 12.44
C SER B 34 -19.85 -4.41 12.86
N ALA B 35 -19.95 -4.67 14.17
CA ALA B 35 -20.92 -5.62 14.67
C ALA B 35 -21.25 -5.30 16.12
N SER B 36 -22.44 -5.72 16.54
CA SER B 36 -22.93 -5.49 17.89
C SER B 36 -22.68 -6.73 18.74
N VAL B 37 -22.73 -6.54 20.06
CA VAL B 37 -22.67 -7.69 20.96
C VAL B 37 -23.86 -8.60 20.70
N GLY B 38 -23.62 -9.91 20.74
CA GLY B 38 -24.63 -10.89 20.40
C GLY B 38 -24.70 -11.26 18.94
N ASP B 39 -24.03 -10.51 18.06
CA ASP B 39 -24.06 -10.80 16.63
C ASP B 39 -23.32 -12.10 16.33
N ARG B 40 -23.71 -12.73 15.23
CA ARG B 40 -23.02 -13.86 14.65
C ARG B 40 -22.15 -13.35 13.51
N VAL B 41 -20.84 -13.60 13.58
CA VAL B 41 -19.93 -13.12 12.55
C VAL B 41 -19.13 -14.31 12.03
N THR B 42 -18.89 -14.33 10.73
CA THR B 42 -18.13 -15.39 10.09
C THR B 42 -17.11 -14.75 9.17
N ILE B 43 -15.84 -14.97 9.45
CA ILE B 43 -14.77 -14.40 8.66
C ILE B 43 -14.25 -15.48 7.71
N THR B 44 -14.05 -15.11 6.46
CA THR B 44 -13.65 -16.07 5.43
C THR B 44 -12.25 -15.72 4.97
N CYS B 45 -11.39 -16.74 4.91
CA CYS B 45 -10.10 -16.63 4.26
C CYS B 45 -10.10 -17.51 3.02
N ARG B 46 -9.43 -17.04 1.96
CA ARG B 46 -9.47 -17.72 0.67
C ARG B 46 -8.12 -18.38 0.38
N ALA B 47 -8.18 -19.65 -0.01
CA ALA B 47 -7.00 -20.44 -0.32
C ALA B 47 -6.97 -20.73 -1.81
N SER B 48 -5.75 -20.88 -2.34
CA SER B 48 -5.59 -21.08 -3.77
C SER B 48 -5.89 -22.51 -4.22
N GLN B 49 -6.35 -23.37 -3.31
CA GLN B 49 -6.66 -24.76 -3.62
C GLN B 49 -7.66 -25.26 -2.59
N SER B 50 -7.94 -26.56 -2.63
CA SER B 50 -8.70 -27.18 -1.54
C SER B 50 -7.96 -26.97 -0.23
N VAL B 51 -8.43 -26.00 0.55
CA VAL B 51 -7.89 -25.84 1.89
C VAL B 51 -8.13 -27.15 2.61
N SER B 52 -7.06 -27.72 3.17
CA SER B 52 -7.13 -29.05 3.79
C SER B 52 -6.39 -28.95 5.12
N SER B 53 -7.16 -28.68 6.17
CA SER B 53 -6.85 -29.06 7.55
C SER B 53 -5.77 -28.23 8.22
N ALA B 54 -4.63 -28.01 7.57
CA ALA B 54 -3.49 -27.36 8.20
C ALA B 54 -3.60 -25.84 8.06
N VAL B 55 -4.58 -25.28 8.76
CA VAL B 55 -4.78 -23.84 8.84
C VAL B 55 -5.11 -23.49 10.29
N ALA B 56 -4.95 -22.21 10.62
CA ALA B 56 -5.11 -21.74 11.99
C ALA B 56 -5.75 -20.36 12.00
N TRP B 57 -6.31 -20.00 13.15
CA TRP B 57 -6.90 -18.67 13.37
C TRP B 57 -6.34 -18.06 14.64
N TYR B 58 -5.92 -16.79 14.55
CA TYR B 58 -5.36 -16.07 15.67
C TYR B 58 -6.22 -14.86 16.01
N GLN B 59 -6.19 -14.47 17.28
CA GLN B 59 -6.80 -13.24 17.77
C GLN B 59 -5.71 -12.31 18.28
N GLN B 60 -5.86 -11.01 18.04
CA GLN B 60 -4.90 -10.02 18.52
C GLN B 60 -5.63 -8.76 18.97
N LYS B 61 -5.27 -8.27 20.15
CA LYS B 61 -5.70 -6.98 20.68
C LYS B 61 -4.52 -6.02 20.72
N PRO B 62 -4.76 -4.71 20.68
CA PRO B 62 -3.65 -3.77 20.49
C PRO B 62 -2.64 -3.83 21.64
N GLY B 63 -1.37 -3.78 21.27
CA GLY B 63 -0.28 -3.88 22.22
C GLY B 63 0.12 -5.30 22.57
N LYS B 64 -0.62 -6.31 22.12
CA LYS B 64 -0.41 -7.67 22.57
C LYS B 64 -0.09 -8.58 21.40
N ALA B 65 0.59 -9.68 21.70
CA ALA B 65 0.86 -10.70 20.70
C ALA B 65 -0.44 -11.41 20.33
N PRO B 66 -0.49 -11.99 19.12
CA PRO B 66 -1.68 -12.78 18.76
C PRO B 66 -1.80 -14.02 19.63
N LYS B 67 -3.03 -14.48 19.81
CA LYS B 67 -3.31 -15.70 20.53
C LYS B 67 -3.89 -16.74 19.57
N LEU B 68 -3.45 -17.99 19.72
CA LEU B 68 -4.03 -19.06 18.93
C LEU B 68 -5.45 -19.32 19.39
N LEU B 69 -6.39 -19.29 18.45
CA LEU B 69 -7.79 -19.55 18.72
C LEU B 69 -8.18 -20.95 18.25
N ILE B 70 -8.05 -21.19 16.96
CA ILE B 70 -8.40 -22.45 16.32
C ILE B 70 -7.14 -23.00 15.68
N TYR B 71 -6.85 -24.28 15.92
CA TYR B 71 -5.76 -24.96 15.27
C TYR B 71 -6.32 -26.12 14.46
N SER B 72 -5.56 -26.55 13.46
CA SER B 72 -5.95 -27.62 12.53
C SER B 72 -7.39 -27.42 12.06
N ALA B 73 -7.64 -26.25 11.47
CA ALA B 73 -8.90 -25.89 10.83
C ALA B 73 -10.07 -25.74 11.80
N SER B 74 -10.24 -26.70 12.71
CA SER B 74 -11.47 -26.76 13.49
C SER B 74 -11.26 -27.08 14.97
N SER B 75 -10.04 -27.29 15.42
CA SER B 75 -9.80 -27.66 16.81
C SER B 75 -9.75 -26.41 17.68
N LEU B 76 -10.49 -26.44 18.77
CA LEU B 76 -10.58 -25.33 19.70
C LEU B 76 -9.37 -25.37 20.64
N TYR B 77 -8.53 -24.34 20.59
CA TYR B 77 -7.40 -24.26 21.51
C TYR B 77 -7.90 -24.06 22.95
N SER B 78 -7.04 -24.44 23.89
CA SER B 78 -7.47 -24.52 25.29
C SER B 78 -7.81 -23.15 25.84
N GLY B 79 -8.86 -23.11 26.66
CA GLY B 79 -9.28 -21.85 27.23
C GLY B 79 -9.99 -20.92 26.28
N VAL B 80 -10.27 -21.36 25.05
CA VAL B 80 -11.01 -20.56 24.09
C VAL B 80 -12.49 -20.89 24.23
N PRO B 81 -13.36 -19.90 24.40
CA PRO B 81 -14.79 -20.19 24.54
C PRO B 81 -15.33 -21.01 23.37
N SER B 82 -16.40 -21.76 23.64
CA SER B 82 -17.00 -22.58 22.59
C SER B 82 -17.77 -21.78 21.57
N ARG B 83 -17.93 -20.47 21.76
CA ARG B 83 -18.62 -19.65 20.75
C ARG B 83 -17.74 -19.42 19.53
N PHE B 84 -16.43 -19.63 19.66
CA PHE B 84 -15.55 -19.66 18.51
C PHE B 84 -15.59 -21.05 17.88
N SER B 85 -15.60 -21.10 16.56
CA SER B 85 -15.55 -22.36 15.85
C SER B 85 -14.87 -22.12 14.51
N GLY B 86 -14.27 -23.17 13.98
CA GLY B 86 -13.57 -23.07 12.72
C GLY B 86 -13.99 -24.19 11.80
N SER B 87 -14.29 -23.88 10.55
CA SER B 87 -14.75 -24.87 9.61
C SER B 87 -14.05 -24.64 8.28
N ARG B 88 -14.35 -25.50 7.32
CA ARG B 88 -13.60 -25.55 6.08
C ARG B 88 -14.50 -26.13 5.01
N SER B 89 -14.54 -25.50 3.82
CA SER B 89 -15.41 -25.97 2.76
C SER B 89 -14.84 -25.58 1.41
N GLY B 90 -14.45 -26.57 0.60
CA GLY B 90 -13.86 -26.31 -0.69
C GLY B 90 -12.53 -25.60 -0.64
N THR B 91 -12.44 -24.44 -1.28
CA THR B 91 -11.25 -23.60 -1.25
C THR B 91 -11.38 -22.47 -0.23
N ASP B 92 -12.31 -22.59 0.70
CA ASP B 92 -12.51 -21.58 1.73
C ASP B 92 -12.53 -22.25 3.10
N PHE B 93 -12.16 -21.47 4.11
CA PHE B 93 -12.25 -21.88 5.49
C PHE B 93 -12.62 -20.66 6.30
N THR B 94 -13.23 -20.88 7.46
CA THR B 94 -13.97 -19.82 8.12
C THR B 94 -13.77 -19.86 9.62
N LEU B 95 -13.75 -18.68 10.23
CA LEU B 95 -13.87 -18.49 11.66
C LEU B 95 -15.24 -17.92 11.96
N THR B 96 -15.98 -18.58 12.86
CA THR B 96 -17.30 -18.12 13.23
C THR B 96 -17.32 -17.87 14.73
N ILE B 97 -17.85 -16.72 15.12
CA ILE B 97 -18.15 -16.38 16.51
C ILE B 97 -19.65 -16.35 16.62
N SER B 98 -20.23 -17.34 17.30
CA SER B 98 -21.68 -17.51 17.28
C SER B 98 -22.42 -16.35 17.96
N SER B 99 -21.82 -15.74 18.99
CA SER B 99 -22.47 -14.61 19.66
C SER B 99 -21.38 -13.69 20.20
N LEU B 100 -21.04 -12.66 19.43
CA LEU B 100 -20.02 -11.70 19.80
C LEU B 100 -20.19 -11.22 21.23
N GLN B 101 -19.14 -11.35 22.02
CA GLN B 101 -19.06 -10.81 23.37
C GLN B 101 -18.14 -9.61 23.39
N PRO B 102 -18.35 -8.68 24.33
CA PRO B 102 -17.58 -7.43 24.33
C PRO B 102 -16.07 -7.64 24.18
N GLU B 103 -15.51 -8.67 24.80
CA GLU B 103 -14.07 -8.88 24.72
C GLU B 103 -13.64 -9.63 23.45
N ASP B 104 -14.56 -9.87 22.51
CA ASP B 104 -14.21 -10.46 21.23
C ASP B 104 -13.93 -9.43 20.16
N PHE B 105 -14.11 -8.15 20.47
CA PHE B 105 -13.71 -7.09 19.54
C PHE B 105 -12.20 -7.00 19.54
N ALA B 106 -11.61 -7.38 18.41
CA ALA B 106 -10.18 -7.57 18.27
C ALA B 106 -9.92 -7.76 16.79
N THR B 107 -8.66 -7.98 16.45
CA THR B 107 -8.30 -8.29 15.08
C THR B 107 -8.05 -9.79 14.97
N TYR B 108 -8.43 -10.35 13.84
CA TYR B 108 -8.38 -11.79 13.63
C TYR B 108 -7.53 -12.07 12.41
N TYR B 109 -6.65 -13.06 12.54
CA TYR B 109 -5.74 -13.44 11.46
C TYR B 109 -5.91 -14.92 11.18
N CYS B 110 -5.87 -15.30 9.90
CA CYS B 110 -5.82 -16.70 9.52
C CYS B 110 -4.44 -17.06 9.01
N GLN B 111 -4.01 -18.28 9.29
CA GLN B 111 -2.77 -18.82 8.76
C GLN B 111 -3.13 -19.66 7.54
N GLN B 112 -2.69 -19.21 6.36
CA GLN B 112 -3.06 -19.85 5.12
C GLN B 112 -2.47 -21.26 5.04
N PRO B 113 -3.15 -22.17 4.34
CA PRO B 113 -2.56 -23.50 4.11
C PRO B 113 -1.36 -23.41 3.19
N TRP B 114 -0.37 -24.26 3.47
CA TRP B 114 0.80 -24.29 2.62
C TRP B 114 0.43 -24.77 1.22
N SER B 115 1.03 -24.15 0.21
CA SER B 115 0.95 -24.65 -1.15
C SER B 115 2.37 -24.94 -1.63
N TRP B 116 2.48 -25.81 -2.62
CA TRP B 116 3.79 -26.29 -3.03
C TRP B 116 4.64 -25.15 -3.57
N GLY B 117 5.85 -25.01 -3.01
CA GLY B 117 6.76 -23.94 -3.38
C GLY B 117 6.60 -22.66 -2.59
N SER B 118 5.56 -22.55 -1.76
CA SER B 118 5.25 -21.34 -1.02
C SER B 118 6.21 -21.16 0.15
N ALA B 119 6.18 -19.98 0.74
CA ALA B 119 6.86 -19.78 2.02
C ALA B 119 6.24 -20.70 3.06
N LEU B 120 7.05 -21.04 4.08
CA LEU B 120 6.65 -22.08 5.01
C LEU B 120 5.35 -21.74 5.74
N ILE B 121 5.19 -20.48 6.16
CA ILE B 121 3.97 -20.03 6.81
C ILE B 121 3.55 -18.70 6.19
N THR B 122 2.24 -18.52 5.98
CA THR B 122 1.69 -17.31 5.41
C THR B 122 0.44 -16.90 6.17
N PHE B 123 0.34 -15.64 6.55
CA PHE B 123 -0.82 -15.13 7.27
C PHE B 123 -1.69 -14.31 6.33
N GLY B 124 -3.00 -14.45 6.50
CA GLY B 124 -3.95 -13.66 5.74
C GLY B 124 -3.94 -12.20 6.18
N GLN B 125 -4.77 -11.43 5.47
CA GLN B 125 -4.74 -9.97 5.61
C GLN B 125 -5.02 -9.52 7.04
N GLY B 126 -6.06 -10.05 7.66
CA GLY B 126 -6.37 -9.51 8.98
C GLY B 126 -7.70 -8.78 8.96
N THR B 127 -8.50 -9.00 10.00
CA THR B 127 -9.87 -8.49 10.06
C THR B 127 -10.13 -7.91 11.44
N LYS B 128 -10.40 -6.61 11.49
CA LYS B 128 -10.66 -5.92 12.76
C LYS B 128 -12.17 -5.82 12.96
N VAL B 129 -12.64 -6.34 14.09
CA VAL B 129 -14.06 -6.29 14.44
C VAL B 129 -14.26 -5.14 15.41
N GLU B 130 -15.13 -4.21 15.05
CA GLU B 130 -15.35 -2.99 15.83
C GLU B 130 -16.81 -2.87 16.23
N ILE B 131 -17.06 -2.09 17.28
CA ILE B 131 -18.38 -2.00 17.88
C ILE B 131 -19.27 -1.09 17.04
N LYS B 132 -20.40 -1.62 16.58
CA LYS B 132 -21.42 -0.79 16.00
C LYS B 132 -22.05 0.07 17.10
N ARG B 133 -22.37 1.31 16.77
CA ARG B 133 -23.11 2.17 17.70
C ARG B 133 -23.84 3.24 16.88
N THR B 134 -24.68 4.00 17.55
CA THR B 134 -25.50 4.99 16.85
C THR B 134 -24.66 6.15 16.33
N VAL B 135 -25.12 6.75 15.23
CA VAL B 135 -24.41 7.89 14.65
C VAL B 135 -24.28 8.99 15.69
N ALA B 136 -23.08 9.55 15.77
CA ALA B 136 -22.77 10.66 16.67
C ALA B 136 -21.97 11.68 15.90
N ALA B 137 -22.43 12.92 15.90
CA ALA B 137 -21.70 13.96 15.21
C ALA B 137 -20.52 14.44 16.05
N PRO B 138 -19.42 14.83 15.39
CA PRO B 138 -18.27 15.33 16.14
C PRO B 138 -18.46 16.78 16.59
N SER B 139 -18.00 17.05 17.81
CA SER B 139 -17.68 18.41 18.19
C SER B 139 -16.38 18.83 17.50
N VAL B 140 -16.35 20.05 16.98
CA VAL B 140 -15.21 20.52 16.21
C VAL B 140 -14.59 21.74 16.88
N PHE B 141 -13.26 21.73 17.02
CA PHE B 141 -12.50 22.81 17.61
C PHE B 141 -11.26 23.08 16.76
N ILE B 142 -10.91 24.36 16.58
CA ILE B 142 -9.71 24.72 15.86
C ILE B 142 -8.79 25.50 16.79
N PHE B 143 -7.48 25.35 16.57
CA PHE B 143 -6.45 25.93 17.44
C PHE B 143 -5.41 26.63 16.58
N PRO B 144 -5.17 27.92 16.77
CA PRO B 144 -4.10 28.59 16.05
C PRO B 144 -2.75 28.17 16.61
N PRO B 145 -1.67 28.38 15.88
CA PRO B 145 -0.35 28.07 16.43
C PRO B 145 -0.03 28.95 17.62
N SER B 146 0.76 28.41 18.53
CA SER B 146 1.22 29.18 19.67
C SER B 146 2.16 30.30 19.21
N ASP B 147 2.53 31.15 20.16
CA ASP B 147 3.61 32.09 19.86
C ASP B 147 4.97 31.42 20.02
N SER B 148 5.08 30.45 20.92
CA SER B 148 6.32 29.71 21.08
C SER B 148 6.73 29.07 19.77
N GLN B 149 5.77 28.47 19.07
CA GLN B 149 6.09 27.73 17.87
C GLN B 149 6.36 28.67 16.69
N LEU B 150 5.67 29.81 16.64
CA LEU B 150 5.97 30.77 15.59
C LEU B 150 7.39 31.27 15.69
N LYS B 151 7.94 31.31 16.92
CA LYS B 151 9.35 31.67 17.10
C LYS B 151 10.27 30.67 16.42
N SER B 152 9.83 29.42 16.23
CA SER B 152 10.69 28.40 15.66
C SER B 152 10.75 28.48 14.13
N GLY B 153 9.79 29.15 13.50
CA GLY B 153 9.73 29.23 12.05
C GLY B 153 8.64 28.38 11.42
N THR B 154 7.82 27.70 12.22
CA THR B 154 6.78 26.82 11.73
C THR B 154 5.47 27.17 12.42
N ALA B 155 4.37 27.08 11.68
CA ALA B 155 3.05 27.21 12.27
C ALA B 155 2.31 25.88 12.13
N SER B 156 1.65 25.46 13.21
CA SER B 156 0.84 24.25 13.20
C SER B 156 -0.57 24.62 13.61
N VAL B 157 -1.47 24.66 12.64
CA VAL B 157 -2.89 24.83 12.90
C VAL B 157 -3.49 23.45 13.12
N VAL B 158 -4.22 23.30 14.22
CA VAL B 158 -4.72 21.99 14.63
C VAL B 158 -6.25 22.03 14.66
N CYS B 159 -6.87 20.99 14.14
CA CYS B 159 -8.32 20.85 14.13
C CYS B 159 -8.70 19.56 14.83
N LEU B 160 -9.68 19.64 15.73
CA LEU B 160 -10.11 18.52 16.54
C LEU B 160 -11.53 18.14 16.17
N LEU B 161 -11.76 16.84 15.95
CA LEU B 161 -13.10 16.27 15.78
C LEU B 161 -13.28 15.28 16.91
N ASN B 162 -14.17 15.60 17.85
CA ASN B 162 -14.24 14.92 19.13
C ASN B 162 -15.46 14.02 19.23
N ASN B 163 -15.23 12.75 19.60
CA ASN B 163 -16.26 11.80 20.02
C ASN B 163 -17.38 11.63 18.99
N PHE B 164 -16.98 11.21 17.78
CA PHE B 164 -17.93 10.95 16.71
C PHE B 164 -17.94 9.46 16.34
N TYR B 165 -19.00 9.07 15.62
CA TYR B 165 -19.18 7.74 15.04
C TYR B 165 -20.18 7.88 13.90
N PRO B 166 -19.93 7.26 12.75
CA PRO B 166 -18.84 6.32 12.42
C PRO B 166 -17.49 6.98 12.16
N ARG B 167 -16.49 6.15 11.83
CA ARG B 167 -15.12 6.62 11.70
C ARG B 167 -14.91 7.59 10.54
N GLU B 168 -15.78 7.57 9.55
CA GLU B 168 -15.53 8.26 8.29
C GLU B 168 -15.86 9.74 8.44
N ALA B 169 -14.82 10.57 8.44
CA ALA B 169 -14.97 12.02 8.49
C ALA B 169 -14.07 12.64 7.45
N LYS B 170 -14.48 13.79 6.90
CA LYS B 170 -13.66 14.53 5.96
C LYS B 170 -13.38 15.91 6.52
N VAL B 171 -12.11 16.33 6.46
CA VAL B 171 -11.64 17.58 7.02
C VAL B 171 -11.02 18.38 5.89
N GLN B 172 -11.66 19.48 5.52
CA GLN B 172 -11.19 20.35 4.44
C GLN B 172 -10.54 21.59 5.04
N TRP B 173 -9.24 21.78 4.77
CA TRP B 173 -8.53 22.97 5.22
C TRP B 173 -8.67 24.09 4.19
N LYS B 174 -9.15 25.26 4.65
CA LYS B 174 -9.27 26.45 3.83
C LYS B 174 -8.42 27.55 4.44
N VAL B 175 -7.49 28.12 3.66
CA VAL B 175 -6.67 29.24 4.09
C VAL B 175 -7.03 30.45 3.24
N ASP B 176 -7.75 31.41 3.83
CA ASP B 176 -8.32 32.55 3.12
C ASP B 176 -9.17 32.09 1.93
N ASN B 177 -10.01 31.09 2.18
CA ASN B 177 -10.93 30.48 1.22
C ASN B 177 -10.23 29.69 0.11
N ALA B 178 -8.91 29.68 0.07
CA ALA B 178 -8.19 28.78 -0.82
C ALA B 178 -8.18 27.37 -0.21
N LEU B 179 -8.85 26.42 -0.88
CA LEU B 179 -8.87 25.06 -0.38
C LEU B 179 -7.49 24.45 -0.50
N GLN B 180 -7.10 23.69 0.52
CA GLN B 180 -5.76 23.16 0.65
C GLN B 180 -5.74 21.66 0.43
N SER B 181 -4.60 21.19 -0.07
CA SER B 181 -4.32 19.76 -0.14
C SER B 181 -2.81 19.58 -0.13
N GLY B 182 -2.36 18.50 0.51
CA GLY B 182 -0.96 18.13 0.48
C GLY B 182 -0.13 18.66 1.62
N ASN B 183 -0.71 19.49 2.51
CA ASN B 183 0.04 20.13 3.57
C ASN B 183 -0.60 19.88 4.94
N SER B 184 -1.31 18.77 5.11
CA SER B 184 -1.83 18.39 6.41
C SER B 184 -1.64 16.90 6.64
N GLN B 185 -1.81 16.48 7.89
CA GLN B 185 -1.75 15.10 8.32
C GLN B 185 -2.87 14.87 9.32
N GLU B 186 -3.39 13.64 9.34
CA GLU B 186 -4.47 13.26 10.24
C GLU B 186 -4.03 12.14 11.15
N SER B 187 -4.84 11.92 12.19
CA SER B 187 -4.65 10.81 13.10
C SER B 187 -5.98 10.55 13.79
N VAL B 188 -6.32 9.27 13.95
CA VAL B 188 -7.58 8.86 14.55
C VAL B 188 -7.26 8.01 15.77
N THR B 189 -8.06 8.18 16.82
CA THR B 189 -7.92 7.32 17.98
C THR B 189 -8.68 6.02 17.78
N GLU B 190 -8.31 5.01 18.55
CA GLU B 190 -9.12 3.81 18.54
C GLU B 190 -10.46 4.09 19.23
N GLN B 191 -11.44 3.23 18.95
CA GLN B 191 -12.76 3.38 19.52
C GLN B 191 -12.67 3.52 21.03
N ASP B 192 -13.30 4.57 21.56
CA ASP B 192 -13.23 4.82 22.99
C ASP B 192 -13.83 3.66 23.77
N SER B 193 -13.20 3.34 24.91
CA SER B 193 -13.65 2.20 25.70
C SER B 193 -15.02 2.43 26.32
N LYS B 194 -15.41 3.69 26.53
CA LYS B 194 -16.64 3.97 27.23
C LYS B 194 -17.81 4.20 26.27
N ASP B 195 -17.64 5.05 25.26
CA ASP B 195 -18.74 5.41 24.37
C ASP B 195 -18.53 4.97 22.92
N SER B 196 -17.48 4.20 22.64
CA SER B 196 -17.26 3.60 21.32
C SER B 196 -17.21 4.65 20.20
N THR B 197 -16.77 5.87 20.52
CA THR B 197 -16.62 6.90 19.50
C THR B 197 -15.16 6.97 19.05
N TYR B 198 -14.94 7.74 18.00
CA TYR B 198 -13.62 8.05 17.49
C TYR B 198 -13.34 9.54 17.68
N SER B 199 -12.06 9.89 17.60
CA SER B 199 -11.67 11.29 17.56
C SER B 199 -10.53 11.42 16.57
N LEU B 200 -10.47 12.59 15.92
CA LEU B 200 -9.53 12.82 14.83
C LEU B 200 -8.87 14.17 15.00
N SER B 201 -7.55 14.20 14.82
CA SER B 201 -6.79 15.44 14.84
C SER B 201 -6.19 15.67 13.46
N SER B 202 -6.43 16.84 12.89
CA SER B 202 -5.82 17.27 11.65
C SER B 202 -4.84 18.41 11.94
N THR B 203 -3.69 18.37 11.29
CA THR B 203 -2.64 19.36 11.54
C THR B 203 -2.17 19.94 10.22
N LEU B 204 -2.67 21.12 9.89
CA LEU B 204 -2.11 21.91 8.81
C LEU B 204 -0.80 22.53 9.25
N THR B 205 0.25 22.37 8.43
CA THR B 205 1.56 22.87 8.79
C THR B 205 2.07 23.81 7.69
N LEU B 206 2.30 25.06 8.07
CA LEU B 206 2.82 26.09 7.19
C LEU B 206 4.13 26.61 7.75
N SER B 207 4.95 27.18 6.87
CA SER B 207 6.07 27.98 7.34
C SER B 207 5.54 29.23 8.04
N LYS B 208 6.34 29.77 8.95
CA LYS B 208 5.93 31.00 9.63
C LYS B 208 5.69 32.12 8.62
N ALA B 209 6.59 32.26 7.63
CA ALA B 209 6.39 33.25 6.59
C ALA B 209 5.07 33.05 5.85
N ASP B 210 4.74 31.80 5.50
CA ASP B 210 3.48 31.54 4.80
C ASP B 210 2.28 31.81 5.71
N TYR B 211 2.42 31.52 7.00
CA TYR B 211 1.30 31.73 7.92
C TYR B 211 0.94 33.20 8.03
N GLU B 212 1.95 34.09 8.00
CA GLU B 212 1.68 35.51 8.17
C GLU B 212 1.12 36.16 6.93
N LYS B 213 1.33 35.56 5.74
CA LYS B 213 0.76 36.10 4.52
C LYS B 213 -0.75 35.93 4.41
N HIS B 214 -1.42 35.31 5.39
CA HIS B 214 -2.83 35.00 5.26
C HIS B 214 -3.56 35.30 6.57
N LYS B 215 -4.89 35.43 6.47
CA LYS B 215 -5.67 35.94 7.59
C LYS B 215 -6.67 34.93 8.14
N VAL B 216 -7.57 34.40 7.31
CA VAL B 216 -8.64 33.52 7.77
C VAL B 216 -8.21 32.07 7.60
N TYR B 217 -8.25 31.31 8.69
CA TYR B 217 -7.89 29.91 8.70
C TYR B 217 -9.11 29.10 9.13
N ALA B 218 -9.63 28.27 8.23
CA ALA B 218 -10.89 27.56 8.48
C ALA B 218 -10.73 26.05 8.35
N CYS B 219 -11.42 25.33 9.22
CA CYS B 219 -11.45 23.88 9.25
C CYS B 219 -12.88 23.43 8.99
N GLU B 220 -13.14 22.89 7.80
CA GLU B 220 -14.48 22.46 7.43
C GLU B 220 -14.60 20.95 7.61
N VAL B 221 -15.62 20.53 8.35
CA VAL B 221 -15.79 19.14 8.76
C VAL B 221 -17.10 18.63 8.19
N THR B 222 -17.03 17.49 7.51
CA THR B 222 -18.24 16.82 7.02
C THR B 222 -18.23 15.36 7.45
N HIS B 223 -19.39 14.90 7.91
CA HIS B 223 -19.54 13.62 8.58
C HIS B 223 -21.00 13.21 8.47
N GLN B 224 -21.25 11.89 8.50
CA GLN B 224 -22.62 11.40 8.37
C GLN B 224 -23.57 12.05 9.38
N GLY B 225 -23.10 12.35 10.58
CA GLY B 225 -23.91 12.95 11.60
C GLY B 225 -24.18 14.43 11.46
N LEU B 226 -23.62 15.09 10.44
CA LEU B 226 -23.85 16.52 10.21
C LEU B 226 -24.73 16.69 8.98
N SER B 227 -25.87 17.36 9.17
CA SER B 227 -26.77 17.64 8.04
C SER B 227 -26.07 18.47 6.98
N SER B 228 -25.22 19.38 7.40
CA SER B 228 -24.42 20.20 6.51
C SER B 228 -23.07 20.44 7.16
N PRO B 229 -22.03 20.72 6.38
CA PRO B 229 -20.69 20.86 6.97
C PRO B 229 -20.66 21.80 8.16
N VAL B 230 -19.71 21.56 9.05
CA VAL B 230 -19.41 22.45 10.17
C VAL B 230 -18.05 23.05 9.89
N THR B 231 -17.96 24.38 9.88
CA THR B 231 -16.69 25.08 9.72
C THR B 231 -16.31 25.78 11.02
N LYS B 232 -15.03 25.71 11.36
CA LYS B 232 -14.50 26.43 12.50
C LYS B 232 -13.28 27.21 12.03
N SER B 233 -13.13 28.42 12.52
CA SER B 233 -12.09 29.27 11.97
C SER B 233 -11.68 30.33 12.98
N PHE B 234 -10.58 31.01 12.64
CA PHE B 234 -10.11 32.16 13.41
C PHE B 234 -9.41 33.11 12.43
N ASN B 235 -9.33 34.38 12.83
CA ASN B 235 -8.54 35.36 12.10
C ASN B 235 -7.19 35.55 12.79
N ARG B 236 -6.13 35.57 12.01
CA ARG B 236 -4.80 35.79 12.56
C ARG B 236 -4.74 37.17 13.25
N GLY B 237 -4.60 37.18 14.57
CA GLY B 237 -4.62 38.43 15.33
C GLY B 237 -6.00 38.96 15.69
N GLU C 1 5.62 20.11 -35.40
CA GLU C 1 5.07 19.60 -34.15
C GLU C 1 5.74 18.30 -33.74
N VAL C 2 5.73 18.02 -32.44
CA VAL C 2 6.41 16.88 -31.86
C VAL C 2 5.40 15.78 -31.61
N GLN C 3 5.74 14.55 -32.01
CA GLN C 3 4.84 13.42 -31.80
C GLN C 3 5.63 12.22 -31.32
N LEU C 4 5.08 11.54 -30.32
CA LEU C 4 5.66 10.31 -29.77
C LEU C 4 4.64 9.20 -29.89
N VAL C 5 5.04 8.11 -30.53
CA VAL C 5 4.15 6.99 -30.84
C VAL C 5 4.75 5.73 -30.22
N GLU C 6 4.09 5.17 -29.23
CA GLU C 6 4.59 4.00 -28.54
C GLU C 6 3.93 2.73 -29.03
N SER C 7 4.62 1.61 -28.82
CA SER C 7 4.12 0.30 -29.23
C SER C 7 4.90 -0.76 -28.46
N GLY C 8 4.45 -2.00 -28.58
CA GLY C 8 5.15 -3.12 -28.00
C GLY C 8 4.64 -3.56 -26.65
N GLY C 9 3.62 -2.89 -26.11
CA GLY C 9 3.04 -3.31 -24.85
C GLY C 9 2.32 -4.64 -25.00
N GLY C 10 1.64 -5.02 -23.91
CA GLY C 10 0.83 -6.22 -23.97
C GLY C 10 1.05 -7.17 -22.82
N LEU C 11 1.06 -8.47 -23.13
CA LEU C 11 1.11 -9.50 -22.11
C LEU C 11 2.50 -10.09 -21.99
N VAL C 12 2.87 -10.45 -20.77
CA VAL C 12 4.14 -11.12 -20.49
C VAL C 12 3.98 -11.81 -19.15
N GLN C 13 4.76 -12.86 -18.94
CA GLN C 13 4.70 -13.60 -17.70
C GLN C 13 5.84 -13.19 -16.77
N PRO C 14 5.64 -13.37 -15.45
CA PRO C 14 6.73 -13.09 -14.50
C PRO C 14 8.03 -13.74 -14.92
N GLY C 15 9.07 -12.92 -15.07
CA GLY C 15 10.36 -13.39 -15.53
C GLY C 15 10.60 -13.21 -17.00
N GLY C 16 9.55 -12.88 -17.73
CA GLY C 16 9.69 -12.73 -19.19
C GLY C 16 10.24 -11.39 -19.60
N SER C 17 10.45 -11.20 -20.89
CA SER C 17 11.02 -9.95 -21.40
C SER C 17 10.03 -9.30 -22.35
N LEU C 18 10.12 -7.99 -22.50
CA LEU C 18 9.22 -7.20 -23.37
C LEU C 18 10.03 -6.00 -23.83
N ARG C 19 9.90 -5.57 -25.06
CA ARG C 19 10.66 -4.38 -25.46
C ARG C 19 9.66 -3.34 -25.94
N LEU C 20 9.60 -2.20 -25.28
CA LEU C 20 8.73 -1.12 -25.67
C LEU C 20 9.43 -0.23 -26.69
N SER C 21 8.63 0.42 -27.53
CA SER C 21 9.17 1.31 -28.56
C SER C 21 8.54 2.68 -28.43
N CYS C 22 9.34 3.71 -28.69
CA CYS C 22 8.88 5.10 -28.67
C CYS C 22 9.40 5.77 -29.95
N ALA C 23 8.55 5.80 -30.98
CA ALA C 23 8.91 6.41 -32.26
C ALA C 23 8.60 7.90 -32.23
N ALA C 24 9.60 8.71 -32.52
CA ALA C 24 9.47 10.16 -32.46
C ALA C 24 9.36 10.75 -33.86
N SER C 25 8.56 11.81 -33.98
CA SER C 25 8.46 12.55 -35.23
C SER C 25 8.39 14.04 -34.90
N GLY C 26 9.04 14.85 -35.73
CA GLY C 26 9.13 16.27 -35.50
C GLY C 26 10.44 16.77 -34.95
N PHE C 27 11.41 15.88 -34.74
CA PHE C 27 12.72 16.25 -34.21
C PHE C 27 13.64 15.04 -34.33
N ASN C 28 14.96 15.31 -34.26
CA ASN C 28 15.95 14.24 -34.26
C ASN C 28 16.16 13.71 -32.84
N ILE C 29 15.86 12.42 -32.64
CA ILE C 29 15.98 11.81 -31.32
C ILE C 29 17.41 11.85 -30.80
N TYR C 30 18.39 12.05 -31.69
CA TYR C 30 19.78 12.16 -31.26
C TYR C 30 19.96 13.32 -30.27
N TYR C 31 19.39 14.49 -30.59
CA TYR C 31 19.50 15.68 -29.76
C TYR C 31 18.24 15.80 -28.91
N SER C 32 18.20 14.99 -27.86
CA SER C 32 17.10 15.01 -26.91
C SER C 32 17.52 14.15 -25.73
N SER C 33 16.74 14.24 -24.66
CA SER C 33 16.69 13.20 -23.66
C SER C 33 15.30 12.58 -23.71
N MET C 34 15.27 11.25 -23.84
CA MET C 34 14.04 10.47 -23.90
C MET C 34 13.81 9.81 -22.54
N HIS C 35 12.61 9.97 -21.99
CA HIS C 35 12.31 9.45 -20.66
C HIS C 35 11.13 8.48 -20.71
N TRP C 36 11.24 7.39 -19.96
CA TRP C 36 10.13 6.46 -19.76
C TRP C 36 9.52 6.69 -18.38
N VAL C 37 8.22 6.96 -18.35
CA VAL C 37 7.47 7.18 -17.12
C VAL C 37 6.29 6.22 -17.15
N ARG C 38 6.14 5.43 -16.09
CA ARG C 38 5.11 4.40 -16.04
C ARG C 38 4.09 4.72 -14.95
N GLN C 39 3.00 3.96 -14.93
CA GLN C 39 1.91 4.24 -14.01
C GLN C 39 1.11 2.97 -13.77
N ALA C 40 1.18 2.43 -12.55
CA ALA C 40 0.40 1.24 -12.22
C ALA C 40 -1.08 1.59 -12.16
N PRO C 41 -1.96 0.63 -12.45
CA PRO C 41 -3.40 0.94 -12.49
C PRO C 41 -3.91 1.45 -11.16
N GLY C 42 -4.41 2.69 -11.16
CA GLY C 42 -4.93 3.33 -9.97
C GLY C 42 -3.91 4.07 -9.13
N LYS C 43 -2.64 4.03 -9.49
CA LYS C 43 -1.59 4.68 -8.73
C LYS C 43 -1.02 5.87 -9.52
N GLY C 44 0.11 6.39 -9.06
CA GLY C 44 0.67 7.60 -9.62
C GLY C 44 1.76 7.34 -10.64
N LEU C 45 2.40 8.43 -11.07
CA LEU C 45 3.44 8.36 -12.08
C LEU C 45 4.78 8.05 -11.43
N GLU C 46 5.60 7.26 -12.13
CA GLU C 46 6.92 6.88 -11.64
C GLU C 46 7.91 7.00 -12.79
N TRP C 47 8.82 7.97 -12.70
CA TRP C 47 9.92 8.01 -13.65
C TRP C 47 10.77 6.76 -13.49
N VAL C 48 11.36 6.31 -14.59
CA VAL C 48 11.94 4.97 -14.64
C VAL C 48 13.30 4.98 -15.34
N ALA C 49 13.42 5.73 -16.42
CA ALA C 49 14.68 5.75 -17.15
C ALA C 49 14.74 6.96 -18.08
N SER C 50 15.94 7.33 -18.48
CA SER C 50 16.11 8.36 -19.50
C SER C 50 17.41 8.13 -20.24
N ILE C 51 17.47 8.65 -21.47
CA ILE C 51 18.66 8.52 -22.31
C ILE C 51 18.84 9.81 -23.11
N SER C 52 20.07 10.31 -23.12
CA SER C 52 20.49 11.40 -24.01
C SER C 52 21.33 10.76 -25.11
N PRO C 53 20.75 10.43 -26.27
CA PRO C 53 21.52 9.64 -27.25
C PRO C 53 22.79 10.33 -27.72
N TYR C 54 22.77 11.65 -27.91
CA TYR C 54 23.95 12.34 -28.45
C TYR C 54 25.16 12.21 -27.54
N SER C 55 24.95 12.11 -26.23
CA SER C 55 26.07 12.01 -25.31
C SER C 55 26.24 10.62 -24.72
N GLY C 56 25.21 9.78 -24.75
CA GLY C 56 25.25 8.49 -24.10
C GLY C 56 24.74 8.49 -22.66
N SER C 57 24.36 9.66 -22.13
CA SER C 57 23.90 9.75 -20.75
C SER C 57 22.67 8.88 -20.52
N THR C 58 22.73 8.08 -19.46
CA THR C 58 21.73 7.04 -19.20
C THR C 58 21.53 6.94 -17.70
N TYR C 59 20.29 7.05 -17.26
CA TYR C 59 19.96 6.97 -15.85
C TYR C 59 18.81 5.97 -15.66
N TYR C 60 18.63 5.50 -14.43
CA TYR C 60 17.60 4.52 -14.10
C TYR C 60 17.14 4.72 -12.67
N ALA C 61 15.83 4.60 -12.45
CA ALA C 61 15.30 4.49 -11.09
C ALA C 61 15.68 3.13 -10.51
N ASP C 62 15.70 3.06 -9.17
CA ASP C 62 16.21 1.84 -8.53
C ASP C 62 15.24 0.67 -8.63
N SER C 63 13.95 0.94 -8.85
CA SER C 63 12.98 -0.16 -9.00
C SER C 63 13.27 -0.99 -10.23
N VAL C 64 13.92 -0.41 -11.24
CA VAL C 64 14.15 -1.09 -12.50
C VAL C 64 15.63 -1.35 -12.77
N LYS C 65 16.54 -0.71 -12.03
CA LYS C 65 17.97 -0.87 -12.29
C LYS C 65 18.33 -2.35 -12.25
N GLY C 66 19.12 -2.77 -13.24
CA GLY C 66 19.52 -4.14 -13.35
C GLY C 66 18.61 -5.00 -14.21
N ARG C 67 17.37 -4.58 -14.44
CA ARG C 67 16.44 -5.36 -15.25
C ARG C 67 16.06 -4.66 -16.55
N PHE C 68 15.91 -3.34 -16.53
CA PHE C 68 15.48 -2.56 -17.67
C PHE C 68 16.67 -1.88 -18.32
N THR C 69 16.60 -1.71 -19.63
CA THR C 69 17.63 -0.99 -20.37
C THR C 69 16.95 -0.04 -21.35
N ILE C 70 17.32 1.23 -21.27
CA ILE C 70 16.86 2.21 -22.25
C ILE C 70 17.94 2.34 -23.33
N SER C 71 17.50 2.62 -24.55
CA SER C 71 18.41 2.79 -25.67
C SER C 71 17.68 3.55 -26.76
N ALA C 72 18.40 3.86 -27.84
CA ALA C 72 17.80 4.58 -28.94
C ALA C 72 18.45 4.14 -30.23
N ASP C 73 17.70 4.28 -31.33
CA ASP C 73 18.19 3.98 -32.68
C ASP C 73 17.94 5.24 -33.49
N THR C 74 19.00 6.01 -33.74
CA THR C 74 18.83 7.32 -34.38
C THR C 74 18.37 7.18 -35.82
N SER C 75 18.81 6.14 -36.51
CA SER C 75 18.28 5.85 -37.83
C SER C 75 16.75 5.83 -37.81
N LYS C 76 16.17 4.92 -37.03
CA LYS C 76 14.72 4.81 -36.97
C LYS C 76 14.07 5.90 -36.12
N ASN C 77 14.86 6.82 -35.55
CA ASN C 77 14.36 7.90 -34.70
C ASN C 77 13.46 7.36 -33.57
N THR C 78 14.01 6.45 -32.77
CA THR C 78 13.18 5.70 -31.84
C THR C 78 13.94 5.41 -30.55
N ALA C 79 13.25 5.56 -29.41
CA ALA C 79 13.76 5.13 -28.11
C ALA C 79 13.16 3.80 -27.71
N TYR C 80 13.95 2.96 -27.06
CA TYR C 80 13.52 1.63 -26.63
C TYR C 80 13.60 1.51 -25.12
N LEU C 81 12.83 0.55 -24.57
CA LEU C 81 12.88 0.22 -23.15
C LEU C 81 12.81 -1.32 -23.02
N GLN C 82 13.98 -1.96 -23.09
CA GLN C 82 14.07 -3.41 -22.92
C GLN C 82 13.82 -3.76 -21.45
N MET C 83 12.78 -4.55 -21.18
CA MET C 83 12.40 -4.92 -19.82
C MET C 83 12.56 -6.43 -19.65
N ASN C 84 13.45 -6.83 -18.74
CA ASN C 84 13.70 -8.23 -18.42
C ASN C 84 13.41 -8.49 -16.95
N SER C 85 13.47 -9.78 -16.58
CA SER C 85 13.15 -10.22 -15.22
C SER C 85 11.92 -9.47 -14.69
N LEU C 86 10.86 -9.53 -15.47
CA LEU C 86 9.67 -8.74 -15.19
C LEU C 86 8.88 -9.34 -14.04
N ARG C 87 8.31 -8.47 -13.22
CA ARG C 87 7.53 -8.86 -12.06
C ARG C 87 6.15 -8.23 -12.19
N ALA C 88 5.22 -8.70 -11.34
CA ALA C 88 3.84 -8.25 -11.45
C ALA C 88 3.71 -6.75 -11.23
N GLU C 89 4.47 -6.18 -10.29
CA GLU C 89 4.31 -4.75 -10.06
C GLU C 89 4.88 -3.91 -11.21
N ASP C 90 5.50 -4.54 -12.21
CA ASP C 90 5.82 -3.81 -13.42
C ASP C 90 4.58 -3.58 -14.28
N THR C 91 3.46 -4.22 -13.96
CA THR C 91 2.22 -3.98 -14.68
C THR C 91 1.85 -2.51 -14.59
N ALA C 92 1.79 -1.84 -15.74
CA ALA C 92 1.62 -0.40 -15.76
C ALA C 92 1.45 0.07 -17.20
N VAL C 93 0.87 1.27 -17.35
CA VAL C 93 0.90 2.00 -18.60
C VAL C 93 2.23 2.74 -18.66
N TYR C 94 3.00 2.50 -19.71
CA TYR C 94 4.31 3.11 -19.86
C TYR C 94 4.23 4.23 -20.89
N TYR C 95 4.59 5.44 -20.48
CA TYR C 95 4.70 6.57 -21.38
C TYR C 95 6.18 6.83 -21.67
N CYS C 96 6.44 7.43 -22.82
CA CYS C 96 7.73 8.05 -23.09
C CYS C 96 7.51 9.56 -23.18
N ALA C 97 8.43 10.32 -22.59
CA ALA C 97 8.30 11.76 -22.53
C ALA C 97 9.64 12.41 -22.88
N ARG C 98 9.59 13.72 -23.06
CA ARG C 98 10.72 14.48 -23.54
C ARG C 98 10.63 15.92 -23.06
N PRO C 99 11.73 16.49 -22.57
CA PRO C 99 11.72 17.92 -22.20
C PRO C 99 11.94 18.80 -23.43
N TRP C 100 11.79 20.11 -23.18
CA TRP C 100 11.96 21.11 -24.24
C TRP C 100 13.32 20.99 -24.89
N TYR C 101 14.36 21.12 -24.10
CA TYR C 101 15.75 20.96 -24.49
C TYR C 101 16.30 19.68 -23.91
N PRO C 102 17.31 19.09 -24.54
CA PRO C 102 17.88 17.83 -24.03
C PRO C 102 18.47 17.96 -22.62
N TRP C 103 18.34 19.13 -22.00
CA TRP C 103 18.90 19.36 -20.67
C TRP C 103 17.92 20.00 -19.70
N SER C 104 16.65 20.18 -20.10
CA SER C 104 15.67 20.88 -19.29
C SER C 104 14.67 19.92 -18.64
N TYR C 105 15.08 18.68 -18.38
CA TYR C 105 14.17 17.71 -17.74
C TYR C 105 13.73 18.18 -16.36
N TRP C 106 14.63 18.79 -15.59
CA TRP C 106 14.25 19.34 -14.30
C TRP C 106 13.33 20.54 -14.44
N SER C 107 13.13 21.06 -15.65
CA SER C 107 12.13 22.08 -15.87
C SER C 107 10.73 21.51 -16.13
N GLY C 108 10.64 20.22 -16.45
CA GLY C 108 9.38 19.61 -16.80
C GLY C 108 9.48 18.80 -18.08
N LEU C 109 8.49 17.94 -18.33
CA LEU C 109 8.42 17.11 -19.53
C LEU C 109 7.24 17.61 -20.36
N ASP C 110 7.53 18.17 -21.53
CA ASP C 110 6.48 18.82 -22.32
C ASP C 110 5.71 17.82 -23.17
N TYR C 111 6.42 16.89 -23.80
CA TYR C 111 5.85 16.02 -24.82
C TYR C 111 5.74 14.60 -24.27
N TRP C 112 4.56 14.01 -24.44
CA TRP C 112 4.27 12.69 -23.93
C TRP C 112 3.65 11.81 -25.02
N GLY C 113 3.93 10.51 -24.95
CA GLY C 113 3.28 9.55 -25.82
C GLY C 113 1.91 9.15 -25.29
N GLN C 114 1.15 8.46 -26.14
CA GLN C 114 -0.19 8.03 -25.77
C GLN C 114 -0.19 7.00 -24.65
N GLY C 115 0.91 6.29 -24.45
CA GLY C 115 1.00 5.23 -23.46
C GLY C 115 0.78 3.86 -24.10
N THR C 116 1.35 2.84 -23.46
CA THR C 116 1.11 1.46 -23.86
C THR C 116 1.01 0.60 -22.60
N LEU C 117 0.02 -0.28 -22.56
CA LEU C 117 -0.24 -1.05 -21.35
C LEU C 117 0.58 -2.34 -21.36
N VAL C 118 1.24 -2.61 -20.23
CA VAL C 118 2.01 -3.83 -20.03
C VAL C 118 1.40 -4.55 -18.85
N THR C 119 0.77 -5.70 -19.11
CA THR C 119 0.27 -6.56 -18.05
C THR C 119 1.27 -7.69 -17.83
N VAL C 120 1.70 -7.87 -16.58
CA VAL C 120 2.63 -8.92 -16.21
C VAL C 120 1.86 -9.92 -15.36
N SER C 121 1.62 -11.10 -15.91
CA SER C 121 0.76 -12.08 -15.26
C SER C 121 1.08 -13.44 -15.83
N SER C 122 0.80 -14.47 -15.05
CA SER C 122 1.01 -15.82 -15.54
C SER C 122 -0.26 -16.42 -16.13
N ALA C 123 -1.34 -15.66 -16.15
CA ALA C 123 -2.61 -16.12 -16.72
C ALA C 123 -2.53 -16.27 -18.24
N SER C 124 -3.32 -17.21 -18.78
CA SER C 124 -3.52 -17.31 -20.22
C SER C 124 -4.75 -16.53 -20.64
N THR C 125 -4.72 -16.02 -21.88
CA THR C 125 -5.87 -15.29 -22.41
C THR C 125 -7.10 -16.18 -22.38
N LYS C 126 -8.19 -15.65 -21.84
CA LYS C 126 -9.43 -16.39 -21.65
C LYS C 126 -10.61 -15.43 -21.75
N GLY C 127 -11.60 -15.78 -22.57
CA GLY C 127 -12.83 -15.03 -22.64
C GLY C 127 -13.69 -15.18 -21.40
N PRO C 128 -14.63 -14.26 -21.19
CA PRO C 128 -15.40 -14.25 -19.96
C PRO C 128 -16.63 -15.15 -20.02
N SER C 129 -17.17 -15.40 -18.83
CA SER C 129 -18.49 -15.99 -18.67
C SER C 129 -19.45 -14.87 -18.30
N VAL C 130 -20.62 -14.86 -18.93
CA VAL C 130 -21.58 -13.79 -18.74
C VAL C 130 -22.84 -14.39 -18.11
N PHE C 131 -23.22 -13.85 -16.97
CA PHE C 131 -24.41 -14.30 -16.28
C PHE C 131 -25.35 -13.14 -16.05
N PRO C 132 -26.65 -13.36 -16.19
CA PRO C 132 -27.59 -12.25 -16.07
C PRO C 132 -27.74 -11.81 -14.63
N LEU C 133 -28.09 -10.54 -14.46
CA LEU C 133 -28.50 -9.98 -13.18
C LEU C 133 -29.97 -9.62 -13.35
N ALA C 134 -30.83 -10.56 -12.99
CA ALA C 134 -32.24 -10.51 -13.33
C ALA C 134 -32.97 -9.49 -12.47
N PRO C 135 -33.82 -8.66 -13.08
CA PRO C 135 -34.64 -7.72 -12.31
C PRO C 135 -35.64 -8.48 -11.44
N SER C 136 -35.68 -8.14 -10.16
CA SER C 136 -36.78 -8.61 -9.32
C SER C 136 -38.09 -8.15 -9.93
N SER C 137 -38.94 -9.12 -10.33
CA SER C 137 -40.23 -8.77 -10.89
C SER C 137 -41.13 -8.10 -9.86
N LYS C 138 -40.76 -8.18 -8.57
CA LYS C 138 -41.21 -7.25 -7.54
C LYS C 138 -40.04 -6.31 -7.24
N SER C 139 -40.05 -5.12 -7.86
CA SER C 139 -39.03 -4.11 -7.58
C SER C 139 -39.73 -2.84 -7.09
N THR C 140 -40.50 -2.17 -7.93
CA THR C 140 -41.40 -1.11 -7.50
C THR C 140 -42.65 -1.07 -8.37
N SER C 141 -42.65 -1.83 -9.47
CA SER C 141 -43.82 -2.02 -10.33
C SER C 141 -44.26 -0.75 -11.06
N GLY C 142 -44.10 0.42 -10.41
CA GLY C 142 -44.44 1.68 -11.05
C GLY C 142 -43.30 2.67 -11.01
N GLY C 143 -42.14 2.20 -10.54
CA GLY C 143 -40.95 3.02 -10.42
C GLY C 143 -39.83 2.49 -11.28
N THR C 144 -38.63 2.36 -10.71
CA THR C 144 -37.45 1.95 -11.44
C THR C 144 -37.02 0.55 -11.04
N ALA C 145 -36.61 -0.22 -12.03
CA ALA C 145 -36.01 -1.54 -11.82
C ALA C 145 -34.57 -1.53 -12.32
N ALA C 146 -33.76 -2.44 -11.80
CA ALA C 146 -32.37 -2.55 -12.17
C ALA C 146 -32.07 -3.94 -12.67
N LEU C 147 -31.33 -4.03 -13.77
CA LEU C 147 -30.89 -5.30 -14.33
C LEU C 147 -29.47 -5.14 -14.84
N GLY C 148 -28.81 -6.26 -15.10
CA GLY C 148 -27.41 -6.18 -15.44
C GLY C 148 -26.87 -7.49 -15.96
N CYS C 149 -25.55 -7.53 -16.15
CA CYS C 149 -24.80 -8.73 -16.51
C CYS C 149 -23.54 -8.81 -15.65
N LEU C 150 -23.23 -10.01 -15.20
CA LEU C 150 -21.99 -10.28 -14.49
C LEU C 150 -21.02 -10.90 -15.47
N VAL C 151 -19.84 -10.33 -15.60
CA VAL C 151 -18.85 -10.71 -16.61
C VAL C 151 -17.63 -11.18 -15.85
N LYS C 152 -17.48 -12.49 -15.67
CA LYS C 152 -16.47 -12.97 -14.73
C LYS C 152 -15.54 -13.98 -15.39
N ASP C 153 -14.30 -13.98 -14.91
CA ASP C 153 -13.29 -14.98 -15.26
C ASP C 153 -12.73 -14.78 -16.67
N TYR C 154 -12.21 -13.59 -16.95
CA TYR C 154 -11.55 -13.31 -18.21
C TYR C 154 -10.16 -12.74 -17.98
N PHE C 155 -9.32 -12.84 -19.01
CA PHE C 155 -7.99 -12.27 -18.96
C PHE C 155 -7.50 -12.05 -20.39
N PRO C 156 -6.92 -10.89 -20.71
CA PRO C 156 -6.64 -9.76 -19.82
C PRO C 156 -7.70 -8.68 -19.97
N GLU C 157 -7.36 -7.48 -19.57
CA GLU C 157 -8.20 -6.34 -19.86
C GLU C 157 -8.05 -5.93 -21.32
N PRO C 158 -9.10 -5.36 -21.94
CA PRO C 158 -10.40 -5.02 -21.38
C PRO C 158 -11.55 -5.77 -22.00
N VAL C 159 -12.73 -5.69 -21.39
CA VAL C 159 -13.98 -6.06 -22.04
C VAL C 159 -14.78 -4.79 -22.26
N THR C 160 -15.59 -4.78 -23.31
CA THR C 160 -16.54 -3.71 -23.59
C THR C 160 -17.95 -4.25 -23.41
N VAL C 161 -18.78 -3.50 -22.70
CA VAL C 161 -20.17 -3.87 -22.48
C VAL C 161 -21.04 -2.75 -23.01
N SER C 162 -21.78 -3.04 -24.06
CA SER C 162 -22.85 -2.19 -24.55
C SER C 162 -24.18 -2.86 -24.26
N TRP C 163 -25.26 -2.11 -24.43
CA TRP C 163 -26.60 -2.61 -24.14
C TRP C 163 -27.51 -2.37 -25.33
N ASN C 164 -28.20 -3.42 -25.77
CA ASN C 164 -29.10 -3.35 -26.94
C ASN C 164 -28.35 -2.80 -28.15
N SER C 165 -27.16 -3.35 -28.38
CA SER C 165 -26.29 -2.99 -29.50
C SER C 165 -25.99 -1.51 -29.54
N GLY C 166 -26.17 -0.80 -28.43
CA GLY C 166 -25.88 0.62 -28.36
C GLY C 166 -27.11 1.50 -28.22
N ALA C 167 -28.31 0.98 -28.47
CA ALA C 167 -29.51 1.79 -28.35
C ALA C 167 -29.73 2.26 -26.91
N LEU C 168 -29.36 1.45 -25.92
CA LEU C 168 -29.62 1.77 -24.53
C LEU C 168 -28.31 2.24 -23.91
N THR C 169 -28.21 3.56 -23.69
CA THR C 169 -27.05 4.15 -23.02
C THR C 169 -27.40 4.88 -21.74
N SER C 170 -28.63 5.36 -21.60
CA SER C 170 -29.00 6.20 -20.47
C SER C 170 -29.28 5.30 -19.26
N GLY C 171 -28.58 5.56 -18.16
CA GLY C 171 -28.73 4.79 -16.95
C GLY C 171 -27.74 3.66 -16.78
N VAL C 172 -26.76 3.54 -17.66
CA VAL C 172 -25.86 2.39 -17.67
C VAL C 172 -24.62 2.69 -16.82
N HIS C 173 -24.30 1.78 -15.92
CA HIS C 173 -23.05 1.83 -15.16
C HIS C 173 -22.31 0.53 -15.42
N THR C 174 -21.08 0.63 -15.92
CA THR C 174 -20.21 -0.52 -16.05
C THR C 174 -19.04 -0.34 -15.11
N PHE C 175 -18.87 -1.25 -14.18
CA PHE C 175 -17.94 -1.01 -13.11
C PHE C 175 -16.52 -1.41 -13.52
N PRO C 176 -15.52 -0.79 -12.91
CA PRO C 176 -14.14 -1.23 -13.16
C PRO C 176 -13.98 -2.70 -12.85
N ALA C 177 -13.16 -3.38 -13.64
CA ALA C 177 -12.83 -4.76 -13.34
C ALA C 177 -12.11 -4.84 -11.99
N VAL C 178 -12.21 -6.02 -11.37
CA VAL C 178 -11.43 -6.37 -10.19
C VAL C 178 -10.59 -7.59 -10.53
N LEU C 179 -9.36 -7.63 -10.03
CA LEU C 179 -8.49 -8.78 -10.22
C LEU C 179 -8.83 -9.85 -9.18
N GLN C 180 -9.30 -11.02 -9.65
CA GLN C 180 -9.56 -12.13 -8.75
C GLN C 180 -8.27 -12.71 -8.19
N SER C 181 -8.42 -13.43 -7.08
CA SER C 181 -7.41 -14.30 -6.50
C SER C 181 -6.80 -15.18 -7.58
N SER C 182 -7.64 -15.60 -8.52
CA SER C 182 -7.26 -16.54 -9.58
C SER C 182 -6.34 -15.94 -10.62
N GLY C 183 -6.18 -14.61 -10.65
CA GLY C 183 -5.48 -13.96 -11.73
C GLY C 183 -6.35 -13.52 -12.89
N LEU C 184 -7.66 -13.80 -12.84
CA LEU C 184 -8.64 -13.39 -13.83
C LEU C 184 -9.36 -12.13 -13.37
N TYR C 185 -10.12 -11.54 -14.28
CA TYR C 185 -10.86 -10.32 -13.97
C TYR C 185 -12.36 -10.60 -13.93
N SER C 186 -13.08 -9.71 -13.27
CA SER C 186 -14.54 -9.71 -13.31
C SER C 186 -15.07 -8.30 -13.13
N LEU C 187 -16.24 -8.05 -13.72
CA LEU C 187 -16.97 -6.82 -13.50
C LEU C 187 -18.44 -7.09 -13.71
N SER C 188 -19.26 -6.16 -13.24
CA SER C 188 -20.68 -6.12 -13.57
C SER C 188 -20.95 -4.91 -14.45
N SER C 189 -22.00 -5.04 -15.25
CA SER C 189 -22.63 -3.90 -15.93
C SER C 189 -24.11 -3.92 -15.57
N VAL C 190 -24.63 -2.78 -15.11
CA VAL C 190 -26.03 -2.65 -14.75
C VAL C 190 -26.65 -1.47 -15.46
N VAL C 191 -27.98 -1.46 -15.47
CA VAL C 191 -28.77 -0.39 -16.07
C VAL C 191 -30.08 -0.32 -15.28
N THR C 192 -30.55 0.90 -15.06
CA THR C 192 -31.86 1.14 -14.49
C THR C 192 -32.85 1.47 -15.60
N VAL C 193 -34.05 0.93 -15.49
CA VAL C 193 -35.08 1.06 -16.53
C VAL C 193 -36.45 1.16 -15.87
N PRO C 194 -37.43 1.67 -16.60
CA PRO C 194 -38.79 1.76 -16.03
C PRO C 194 -39.37 0.38 -15.79
N SER C 195 -40.03 0.24 -14.63
CA SER C 195 -40.62 -1.05 -14.25
C SER C 195 -41.56 -1.56 -15.33
N SER C 196 -42.41 -0.68 -15.86
CA SER C 196 -43.41 -1.06 -16.85
C SER C 196 -42.77 -1.77 -18.06
N SER C 197 -41.60 -1.30 -18.48
CA SER C 197 -40.96 -1.81 -19.69
C SER C 197 -40.40 -3.21 -19.55
N LEU C 198 -40.56 -3.87 -18.40
CA LEU C 198 -39.88 -5.13 -18.17
C LEU C 198 -40.42 -6.22 -19.11
N GLY C 199 -41.72 -6.47 -19.06
CA GLY C 199 -42.28 -7.55 -19.86
C GLY C 199 -42.41 -7.24 -21.34
N THR C 200 -42.20 -5.99 -21.75
CA THR C 200 -42.45 -5.59 -23.12
C THR C 200 -41.20 -5.19 -23.90
N GLN C 201 -40.12 -4.83 -23.21
CA GLN C 201 -38.89 -4.38 -23.85
C GLN C 201 -37.79 -5.39 -23.57
N THR C 202 -36.99 -5.70 -24.58
CA THR C 202 -36.01 -6.78 -24.47
C THR C 202 -34.63 -6.19 -24.25
N TYR C 203 -33.92 -6.70 -23.23
CA TYR C 203 -32.61 -6.18 -22.84
C TYR C 203 -31.53 -7.24 -23.10
N ILE C 204 -30.55 -6.89 -23.92
CA ILE C 204 -29.37 -7.71 -24.19
C ILE C 204 -28.12 -6.89 -23.88
N CYS C 205 -27.18 -7.51 -23.17
CA CYS C 205 -25.86 -6.91 -22.96
C CYS C 205 -24.87 -7.55 -23.94
N ASN C 206 -24.19 -6.72 -24.70
CA ASN C 206 -23.20 -7.18 -25.65
C ASN C 206 -21.85 -7.05 -24.97
N VAL C 207 -21.23 -8.19 -24.70
CA VAL C 207 -19.97 -8.25 -23.97
C VAL C 207 -18.91 -8.66 -24.97
N ASN C 208 -17.91 -7.80 -25.15
CA ASN C 208 -16.91 -7.98 -26.19
C ASN C 208 -15.54 -8.13 -25.56
N HIS C 209 -14.85 -9.22 -25.88
CA HIS C 209 -13.51 -9.46 -25.35
C HIS C 209 -12.55 -9.67 -26.52
N LYS C 210 -12.11 -8.56 -27.09
CA LYS C 210 -11.24 -8.59 -28.25
C LYS C 210 -9.99 -9.43 -28.06
N PRO C 211 -9.29 -9.41 -26.93
CA PRO C 211 -8.07 -10.25 -26.80
C PRO C 211 -8.28 -11.72 -27.09
N SER C 212 -9.42 -12.29 -26.74
CA SER C 212 -9.68 -13.71 -26.96
C SER C 212 -10.56 -13.99 -28.18
N ASN C 213 -11.02 -12.93 -28.85
CA ASN C 213 -11.97 -13.03 -29.97
C ASN C 213 -13.29 -13.65 -29.52
N THR C 214 -13.77 -13.20 -28.36
CA THR C 214 -15.01 -13.67 -27.78
C THR C 214 -15.99 -12.52 -27.71
N LYS C 215 -17.25 -12.78 -28.05
CA LYS C 215 -18.32 -11.79 -27.94
C LYS C 215 -19.59 -12.51 -27.54
N VAL C 216 -20.23 -12.02 -26.49
CA VAL C 216 -21.37 -12.69 -25.87
C VAL C 216 -22.52 -11.69 -25.78
N ASP C 217 -23.67 -12.07 -26.33
CA ASP C 217 -24.88 -11.26 -26.26
C ASP C 217 -25.85 -12.03 -25.37
N LYS C 218 -26.02 -11.57 -24.13
CA LYS C 218 -26.80 -12.28 -23.12
C LYS C 218 -28.09 -11.52 -22.85
N LYS C 219 -29.23 -12.19 -23.03
CA LYS C 219 -30.53 -11.59 -22.80
C LYS C 219 -30.90 -11.70 -21.33
N VAL C 220 -31.29 -10.58 -20.74
CA VAL C 220 -31.63 -10.49 -19.32
C VAL C 220 -33.14 -10.34 -19.20
N GLU C 221 -33.79 -11.27 -18.52
CA GLU C 221 -35.22 -11.23 -18.31
C GLU C 221 -35.52 -11.74 -16.91
N PRO C 222 -36.69 -11.39 -16.35
CA PRO C 222 -37.08 -11.82 -15.00
C PRO C 222 -37.14 -13.34 -14.81
N THR D 27 3.56 4.07 -6.23
CA THR D 27 3.20 3.05 -5.23
C THR D 27 1.92 3.38 -4.46
N GLN D 28 1.44 4.62 -4.55
CA GLN D 28 0.25 5.03 -3.81
C GLN D 28 -0.85 5.52 -4.76
N SER D 29 -2.10 5.40 -4.26
CA SER D 29 -3.25 5.99 -4.90
C SER D 29 -3.28 7.48 -4.62
N PRO D 30 -3.85 8.28 -5.53
CA PRO D 30 -3.83 9.74 -5.33
C PRO D 30 -4.83 10.16 -4.26
N SER D 31 -4.43 11.14 -3.45
CA SER D 31 -5.36 11.75 -2.52
C SER D 31 -6.46 12.49 -3.27
N SER D 32 -7.59 12.67 -2.60
CA SER D 32 -8.76 13.25 -3.23
C SER D 32 -9.12 14.57 -2.57
N LEU D 33 -9.75 15.45 -3.34
CA LEU D 33 -10.15 16.76 -2.87
C LEU D 33 -11.48 17.12 -3.52
N SER D 34 -12.50 17.37 -2.70
CA SER D 34 -13.80 17.79 -3.23
C SER D 34 -13.88 19.31 -3.23
N ALA D 35 -14.31 19.86 -4.37
CA ALA D 35 -14.40 21.30 -4.53
C ALA D 35 -15.51 21.59 -5.55
N SER D 36 -16.09 22.78 -5.44
CA SER D 36 -17.12 23.22 -6.36
C SER D 36 -16.52 24.07 -7.47
N VAL D 37 -17.34 24.31 -8.50
CA VAL D 37 -16.91 25.23 -9.55
C VAL D 37 -16.77 26.63 -8.98
N GLY D 38 -15.75 27.34 -9.44
CA GLY D 38 -15.46 28.66 -8.93
C GLY D 38 -14.54 28.71 -7.74
N ASP D 39 -14.45 27.62 -6.97
CA ASP D 39 -13.58 27.55 -5.81
C ASP D 39 -12.12 27.84 -6.19
N ARG D 40 -11.37 28.31 -5.20
CA ARG D 40 -9.93 28.51 -5.30
C ARG D 40 -9.25 27.35 -4.58
N VAL D 41 -8.36 26.65 -5.28
CA VAL D 41 -7.66 25.51 -4.70
C VAL D 41 -6.17 25.69 -4.90
N THR D 42 -5.41 25.39 -3.84
CA THR D 42 -3.95 25.44 -3.90
C THR D 42 -3.43 24.08 -3.44
N ILE D 43 -2.77 23.38 -4.32
CA ILE D 43 -2.17 22.10 -4.02
C ILE D 43 -0.75 22.34 -3.55
N THR D 44 -0.30 21.57 -2.56
CA THR D 44 1.02 21.74 -1.99
C THR D 44 1.80 20.46 -2.15
N CYS D 45 3.05 20.60 -2.60
CA CYS D 45 3.99 19.49 -2.64
C CYS D 45 5.11 19.81 -1.66
N ARG D 46 5.35 18.90 -0.73
CA ARG D 46 6.46 19.07 0.20
C ARG D 46 7.76 18.64 -0.46
N ALA D 47 8.83 19.38 -0.18
CA ALA D 47 10.15 19.05 -0.68
C ALA D 47 11.09 18.81 0.49
N SER D 48 11.99 17.84 0.32
CA SER D 48 12.90 17.43 1.40
C SER D 48 13.92 18.51 1.73
N GLN D 49 13.86 19.64 1.03
CA GLN D 49 14.82 20.72 1.19
C GLN D 49 14.21 21.97 0.58
N SER D 50 15.02 23.04 0.50
CA SER D 50 14.59 24.28 -0.14
C SER D 50 14.31 24.05 -1.61
N VAL D 51 13.04 24.21 -2.00
CA VAL D 51 12.67 24.15 -3.41
C VAL D 51 13.37 25.28 -4.13
N SER D 52 13.99 24.96 -5.28
CA SER D 52 14.59 25.98 -6.13
C SER D 52 14.25 25.66 -7.59
N SER D 53 13.23 26.36 -8.11
CA SER D 53 13.02 26.57 -9.53
C SER D 53 12.73 25.31 -10.36
N ALA D 54 13.39 24.20 -10.04
CA ALA D 54 13.34 23.00 -10.88
C ALA D 54 12.20 22.07 -10.45
N VAL D 55 10.97 22.57 -10.59
CA VAL D 55 9.76 21.80 -10.31
C VAL D 55 8.72 22.08 -11.40
N ALA D 56 7.84 21.11 -11.61
CA ALA D 56 6.80 21.22 -12.62
C ALA D 56 5.52 20.65 -12.06
N TRP D 57 4.39 21.06 -12.66
CA TRP D 57 3.07 20.52 -12.32
C TRP D 57 2.43 19.92 -13.56
N TYR D 58 1.67 18.86 -13.37
CA TYR D 58 1.00 18.19 -14.48
C TYR D 58 -0.46 17.98 -14.14
N GLN D 59 -1.28 17.97 -15.17
CA GLN D 59 -2.68 17.58 -15.06
C GLN D 59 -2.88 16.29 -15.84
N GLN D 60 -3.72 15.40 -15.32
CA GLN D 60 -4.03 14.14 -15.98
C GLN D 60 -5.51 13.83 -15.80
N LYS D 61 -6.22 13.70 -16.92
CA LYS D 61 -7.58 13.18 -16.95
C LYS D 61 -7.54 11.67 -17.21
N PRO D 62 -8.54 10.93 -16.75
CA PRO D 62 -8.47 9.46 -16.87
C PRO D 62 -8.34 9.01 -18.32
N GLY D 63 -7.45 8.05 -18.54
CA GLY D 63 -7.25 7.49 -19.86
C GLY D 63 -6.30 8.26 -20.74
N LYS D 64 -5.83 9.41 -20.32
CA LYS D 64 -4.98 10.26 -21.14
C LYS D 64 -3.62 10.47 -20.48
N ALA D 65 -2.62 10.77 -21.29
CA ALA D 65 -1.30 11.06 -20.77
C ALA D 65 -1.32 12.38 -19.99
N PRO D 66 -0.37 12.58 -19.09
CA PRO D 66 -0.29 13.85 -18.38
C PRO D 66 0.11 15.01 -19.29
N LYS D 67 -0.51 16.16 -19.05
CA LYS D 67 -0.17 17.41 -19.72
C LYS D 67 0.62 18.31 -18.79
N LEU D 68 1.78 18.77 -19.26
CA LEU D 68 2.54 19.76 -18.50
C LEU D 68 1.74 21.04 -18.35
N LEU D 69 1.54 21.46 -17.12
CA LEU D 69 0.78 22.66 -16.78
C LEU D 69 1.70 23.84 -16.52
N ILE D 70 2.61 23.69 -15.57
CA ILE D 70 3.49 24.75 -15.09
C ILE D 70 4.90 24.18 -15.10
N TYR D 71 5.84 24.87 -15.72
CA TYR D 71 7.22 24.41 -15.74
C TYR D 71 8.11 25.41 -15.03
N SER D 72 9.22 24.91 -14.50
CA SER D 72 10.18 25.71 -13.76
C SER D 72 9.50 26.53 -12.67
N ALA D 73 8.67 25.84 -11.89
CA ALA D 73 8.04 26.35 -10.67
C ALA D 73 6.88 27.30 -10.94
N SER D 74 7.05 28.23 -11.90
CA SER D 74 6.06 29.29 -12.10
C SER D 74 5.81 29.68 -13.55
N SER D 75 6.62 29.26 -14.51
CA SER D 75 6.40 29.62 -15.91
C SER D 75 5.22 28.84 -16.48
N LEU D 76 4.17 29.56 -16.88
CA LEU D 76 2.94 28.94 -17.36
C LEU D 76 3.15 28.42 -18.77
N TYR D 77 3.09 27.10 -18.94
CA TYR D 77 3.29 26.48 -20.24
C TYR D 77 2.21 26.92 -21.22
N SER D 78 2.59 27.05 -22.49
CA SER D 78 1.71 27.66 -23.48
C SER D 78 0.47 26.79 -23.74
N GLY D 79 -0.71 27.41 -23.65
CA GLY D 79 -1.97 26.73 -23.85
C GLY D 79 -2.78 26.53 -22.58
N VAL D 80 -2.14 26.66 -21.41
CA VAL D 80 -2.83 26.51 -20.12
C VAL D 80 -3.47 27.83 -19.72
N PRO D 81 -4.73 27.82 -19.29
CA PRO D 81 -5.38 29.06 -18.82
C PRO D 81 -4.60 29.71 -17.70
N SER D 82 -4.75 31.03 -17.59
CA SER D 82 -3.97 31.81 -16.62
C SER D 82 -4.40 31.58 -15.18
N ARG D 83 -5.57 30.95 -14.94
CA ARG D 83 -5.95 30.63 -13.57
C ARG D 83 -4.95 29.68 -12.92
N PHE D 84 -4.28 28.85 -13.72
CA PHE D 84 -3.21 28.02 -13.21
C PHE D 84 -1.98 28.87 -12.95
N SER D 85 -1.45 28.79 -11.73
CA SER D 85 -0.26 29.53 -11.37
C SER D 85 0.51 28.70 -10.35
N GLY D 86 1.83 28.78 -10.42
CA GLY D 86 2.67 28.04 -9.50
C GLY D 86 3.61 28.96 -8.73
N SER D 87 3.63 28.81 -7.42
CA SER D 87 4.45 29.61 -6.52
C SER D 87 5.53 28.74 -5.87
N ARG D 88 6.22 29.34 -4.90
CA ARG D 88 7.30 28.67 -4.17
C ARG D 88 7.50 29.43 -2.86
N SER D 89 7.60 28.69 -1.75
CA SER D 89 7.69 29.35 -0.46
C SER D 89 8.60 28.53 0.46
N GLY D 90 9.90 28.81 0.37
CA GLY D 90 10.88 28.14 1.22
C GLY D 90 11.01 26.66 0.93
N THR D 91 10.36 25.84 1.75
CA THR D 91 10.49 24.39 1.65
C THR D 91 9.34 23.75 0.86
N ASP D 92 8.32 24.51 0.49
CA ASP D 92 7.18 24.01 -0.25
C ASP D 92 7.00 24.79 -1.54
N PHE D 93 6.33 24.17 -2.50
CA PHE D 93 5.91 24.84 -3.72
C PHE D 93 4.49 24.42 -4.02
N THR D 94 3.75 25.29 -4.70
CA THR D 94 2.31 25.16 -4.80
C THR D 94 1.84 25.42 -6.23
N LEU D 95 0.74 24.76 -6.59
CA LEU D 95 -0.03 25.07 -7.77
C LEU D 95 -1.39 25.61 -7.33
N THR D 96 -1.84 26.69 -7.96
CA THR D 96 -3.09 27.33 -7.59
C THR D 96 -3.99 27.47 -8.80
N ILE D 97 -5.20 26.94 -8.69
CA ILE D 97 -6.28 27.24 -9.62
C ILE D 97 -7.16 28.29 -8.98
N SER D 98 -7.20 29.47 -9.58
CA SER D 98 -7.84 30.61 -8.90
C SER D 98 -9.35 30.52 -8.91
N SER D 99 -9.94 29.86 -9.91
CA SER D 99 -11.38 29.63 -9.92
C SER D 99 -11.65 28.39 -10.74
N LEU D 100 -12.07 27.32 -10.07
CA LEU D 100 -12.19 26.02 -10.69
C LEU D 100 -13.22 26.02 -11.80
N GLN D 101 -12.81 25.64 -13.00
CA GLN D 101 -13.70 25.43 -14.14
C GLN D 101 -14.08 23.95 -14.24
N PRO D 102 -15.19 23.61 -14.90
CA PRO D 102 -15.60 22.19 -14.94
C PRO D 102 -14.56 21.28 -15.59
N GLU D 103 -13.79 21.78 -16.55
CA GLU D 103 -12.75 20.96 -17.16
C GLU D 103 -11.55 20.78 -16.25
N ASP D 104 -11.52 21.40 -15.09
CA ASP D 104 -10.32 21.31 -14.25
C ASP D 104 -10.34 20.13 -13.30
N PHE D 105 -11.51 19.53 -13.07
CA PHE D 105 -11.57 18.33 -12.27
C PHE D 105 -10.77 17.23 -12.96
N ALA D 106 -9.71 16.79 -12.30
CA ALA D 106 -8.73 15.86 -12.84
C ALA D 106 -7.73 15.58 -11.72
N THR D 107 -6.65 14.90 -12.05
CA THR D 107 -5.61 14.61 -11.08
C THR D 107 -4.37 15.43 -11.41
N TYR D 108 -3.72 15.93 -10.38
CA TYR D 108 -2.58 16.83 -10.53
C TYR D 108 -1.36 16.19 -9.88
N TYR D 109 -0.25 16.21 -10.59
CA TYR D 109 1.02 15.70 -10.10
C TYR D 109 2.04 16.83 -10.09
N CYS D 110 2.87 16.89 -9.06
CA CYS D 110 4.03 17.75 -9.13
C CYS D 110 5.27 16.92 -9.39
N GLN D 111 6.23 17.54 -10.08
CA GLN D 111 7.55 16.97 -10.24
C GLN D 111 8.44 17.56 -9.16
N GLN D 112 9.05 16.70 -8.34
CA GLN D 112 9.79 17.15 -7.17
C GLN D 112 11.19 17.62 -7.54
N PRO D 113 11.74 18.57 -6.77
CA PRO D 113 13.12 18.98 -6.99
C PRO D 113 14.08 17.83 -6.73
N TRP D 114 15.09 17.72 -7.58
CA TRP D 114 16.07 16.66 -7.43
C TRP D 114 16.94 16.89 -6.19
N SER D 115 17.10 15.86 -5.38
CA SER D 115 18.04 15.89 -4.27
C SER D 115 19.22 14.99 -4.59
N TRP D 116 20.37 15.31 -4.02
CA TRP D 116 21.59 14.56 -4.31
C TRP D 116 21.41 13.09 -4.01
N GLY D 117 21.60 12.25 -5.03
CA GLY D 117 21.44 10.82 -4.87
C GLY D 117 20.08 10.28 -5.24
N SER D 118 19.09 11.15 -5.44
CA SER D 118 17.77 10.74 -5.85
C SER D 118 17.76 10.31 -7.32
N ALA D 119 16.65 9.69 -7.72
CA ALA D 119 16.43 9.44 -9.13
C ALA D 119 16.32 10.77 -9.86
N LEU D 120 16.70 10.77 -11.14
CA LEU D 120 16.72 12.01 -11.92
C LEU D 120 15.39 12.76 -11.82
N ILE D 121 14.28 12.03 -11.82
CA ILE D 121 12.95 12.65 -11.69
C ILE D 121 12.10 11.80 -10.77
N THR D 122 11.41 12.47 -9.83
CA THR D 122 10.41 11.82 -9.02
C THR D 122 9.18 12.72 -9.00
N PHE D 123 8.01 12.09 -9.02
CA PHE D 123 6.74 12.81 -9.00
C PHE D 123 6.09 12.68 -7.64
N GLY D 124 5.32 13.71 -7.28
CA GLY D 124 4.54 13.66 -6.06
C GLY D 124 3.44 12.61 -6.15
N GLN D 125 2.54 12.68 -5.17
CA GLN D 125 1.56 11.62 -4.97
C GLN D 125 0.39 11.70 -5.94
N GLY D 126 0.05 12.89 -6.40
CA GLY D 126 -1.13 12.99 -7.23
C GLY D 126 -2.34 13.39 -6.41
N THR D 127 -3.11 14.36 -6.90
CA THR D 127 -4.25 14.93 -6.18
C THR D 127 -5.44 14.93 -7.11
N LYS D 128 -6.46 14.14 -6.79
CA LYS D 128 -7.67 14.05 -7.60
C LYS D 128 -8.68 15.06 -7.08
N VAL D 129 -9.04 16.03 -7.92
CA VAL D 129 -9.99 17.08 -7.59
C VAL D 129 -11.36 16.65 -8.11
N GLU D 130 -12.29 16.39 -7.21
CA GLU D 130 -13.61 15.88 -7.58
C GLU D 130 -14.68 16.90 -7.21
N ILE D 131 -15.85 16.75 -7.82
CA ILE D 131 -16.88 17.77 -7.76
C ILE D 131 -17.75 17.55 -6.53
N LYS D 132 -17.88 18.59 -5.71
CA LYS D 132 -18.78 18.54 -4.57
C LYS D 132 -20.21 18.71 -5.06
N ARG D 133 -21.15 18.10 -4.34
CA ARG D 133 -22.56 18.19 -4.69
C ARG D 133 -23.41 17.74 -3.52
N THR D 134 -24.71 17.93 -3.65
CA THR D 134 -25.63 17.64 -2.56
C THR D 134 -25.67 16.13 -2.27
N VAL D 135 -25.90 15.81 -1.00
CA VAL D 135 -26.00 14.41 -0.60
C VAL D 135 -27.13 13.73 -1.34
N ALA D 136 -26.84 12.56 -1.92
CA ALA D 136 -27.84 11.73 -2.59
C ALA D 136 -27.73 10.31 -2.07
N ALA D 137 -28.79 9.83 -1.43
CA ALA D 137 -28.80 8.45 -0.99
C ALA D 137 -28.85 7.50 -2.19
N PRO D 138 -28.29 6.31 -2.06
CA PRO D 138 -28.30 5.36 -3.17
C PRO D 138 -29.61 4.59 -3.29
N SER D 139 -29.93 4.23 -4.52
CA SER D 139 -30.88 3.16 -4.75
C SER D 139 -30.14 1.84 -4.61
N VAL D 140 -30.69 0.92 -3.84
CA VAL D 140 -30.07 -0.36 -3.54
C VAL D 140 -30.86 -1.48 -4.19
N PHE D 141 -30.15 -2.43 -4.80
CA PHE D 141 -30.76 -3.60 -5.41
C PHE D 141 -29.89 -4.82 -5.12
N ILE D 142 -30.55 -5.98 -4.96
CA ILE D 142 -29.85 -7.25 -4.74
C ILE D 142 -30.19 -8.21 -5.86
N PHE D 143 -29.22 -9.03 -6.24
CA PHE D 143 -29.37 -9.96 -7.35
C PHE D 143 -28.96 -11.35 -6.91
N PRO D 144 -29.86 -12.32 -6.88
CA PRO D 144 -29.43 -13.71 -6.64
C PRO D 144 -28.60 -14.21 -7.80
N PRO D 145 -27.84 -15.29 -7.61
CA PRO D 145 -27.06 -15.84 -8.72
C PRO D 145 -27.96 -16.53 -9.72
N SER D 146 -27.56 -16.45 -10.99
CA SER D 146 -28.29 -17.13 -12.05
C SER D 146 -28.15 -18.64 -11.89
N ASP D 147 -28.99 -19.39 -12.63
CA ASP D 147 -28.86 -20.84 -12.58
C ASP D 147 -27.67 -21.32 -13.41
N SER D 148 -27.38 -20.66 -14.54
CA SER D 148 -26.20 -21.03 -15.32
C SER D 148 -24.92 -20.89 -14.51
N GLN D 149 -24.86 -19.93 -13.59
CA GLN D 149 -23.65 -19.84 -12.77
C GLN D 149 -23.66 -20.88 -11.67
N LEU D 150 -24.82 -21.12 -11.05
CA LEU D 150 -24.92 -22.20 -10.07
C LEU D 150 -24.54 -23.54 -10.70
N LYS D 151 -25.06 -23.82 -11.90
CA LYS D 151 -24.73 -25.06 -12.59
C LYS D 151 -23.23 -25.21 -12.79
N SER D 152 -22.47 -24.11 -12.74
CA SER D 152 -21.03 -24.15 -12.94
C SER D 152 -20.25 -24.33 -11.66
N GLY D 153 -20.89 -24.23 -10.49
CA GLY D 153 -20.23 -24.49 -9.21
C GLY D 153 -20.01 -23.29 -8.32
N THR D 154 -20.38 -22.07 -8.76
CA THR D 154 -20.13 -20.84 -8.04
C THR D 154 -21.42 -20.03 -7.92
N ALA D 155 -21.62 -19.38 -6.79
CA ALA D 155 -22.72 -18.43 -6.63
C ALA D 155 -22.15 -17.05 -6.37
N SER D 156 -22.53 -16.08 -7.21
CA SER D 156 -22.14 -14.69 -7.02
C SER D 156 -23.40 -13.87 -6.75
N VAL D 157 -23.47 -13.30 -5.56
CA VAL D 157 -24.61 -12.48 -5.13
C VAL D 157 -24.17 -11.03 -5.23
N VAL D 158 -24.86 -10.26 -6.08
CA VAL D 158 -24.43 -8.91 -6.41
C VAL D 158 -25.35 -7.92 -5.73
N CYS D 159 -24.76 -6.94 -5.06
CA CYS D 159 -25.49 -5.81 -4.50
C CYS D 159 -25.08 -4.54 -5.25
N LEU D 160 -26.06 -3.69 -5.57
CA LEU D 160 -25.81 -2.49 -6.36
C LEU D 160 -26.24 -1.24 -5.60
N LEU D 161 -25.32 -0.29 -5.45
CA LEU D 161 -25.59 1.01 -4.84
C LEU D 161 -25.53 2.04 -5.96
N ASN D 162 -26.67 2.65 -6.26
CA ASN D 162 -26.84 3.39 -7.52
C ASN D 162 -26.98 4.89 -7.29
N ASN D 163 -26.11 5.66 -7.95
CA ASN D 163 -26.28 7.10 -8.16
C ASN D 163 -26.38 7.85 -6.82
N PHE D 164 -25.32 7.72 -6.01
CA PHE D 164 -25.29 8.33 -4.69
C PHE D 164 -24.10 9.28 -4.58
N TYR D 165 -24.14 10.12 -3.53
CA TYR D 165 -23.06 11.02 -3.19
C TYR D 165 -23.19 11.35 -1.71
N PRO D 166 -22.10 11.38 -0.95
CA PRO D 166 -20.69 11.19 -1.32
C PRO D 166 -20.26 9.74 -1.50
N ARG D 167 -19.03 9.55 -1.98
CA ARG D 167 -18.54 8.20 -2.30
C ARG D 167 -18.55 7.28 -1.10
N GLU D 168 -18.38 7.82 0.11
CA GLU D 168 -18.23 7.00 1.31
C GLU D 168 -19.53 6.25 1.61
N ALA D 169 -19.53 4.95 1.37
CA ALA D 169 -20.66 4.09 1.72
C ALA D 169 -20.11 2.77 2.24
N LYS D 170 -20.93 2.07 3.03
CA LYS D 170 -20.54 0.81 3.63
C LYS D 170 -21.58 -0.25 3.30
N VAL D 171 -21.13 -1.39 2.75
CA VAL D 171 -21.99 -2.51 2.42
C VAL D 171 -21.68 -3.64 3.38
N GLN D 172 -22.69 -4.17 4.06
CA GLN D 172 -22.55 -5.27 4.99
C GLN D 172 -23.36 -6.46 4.48
N TRP D 173 -22.67 -7.59 4.25
CA TRP D 173 -23.33 -8.80 3.77
C TRP D 173 -23.75 -9.65 4.95
N LYS D 174 -25.03 -10.00 5.02
CA LYS D 174 -25.57 -10.82 6.09
C LYS D 174 -26.14 -12.10 5.49
N VAL D 175 -25.62 -13.25 5.90
CA VAL D 175 -26.07 -14.53 5.37
C VAL D 175 -26.74 -15.28 6.52
N ASP D 176 -28.05 -15.47 6.41
CA ASP D 176 -28.89 -15.96 7.51
C ASP D 176 -28.50 -15.30 8.82
N ASN D 177 -28.42 -13.97 8.77
CA ASN D 177 -28.18 -13.08 9.88
C ASN D 177 -26.75 -13.16 10.44
N ALA D 178 -25.85 -13.82 9.73
CA ALA D 178 -24.45 -13.86 10.11
C ALA D 178 -23.68 -12.85 9.27
N LEU D 179 -23.07 -11.88 9.93
CA LEU D 179 -22.26 -10.89 9.24
C LEU D 179 -21.05 -11.54 8.59
N GLN D 180 -20.79 -11.18 7.34
CA GLN D 180 -19.71 -11.75 6.56
C GLN D 180 -18.48 -10.84 6.58
N SER D 181 -17.34 -11.44 6.27
CA SER D 181 -16.12 -10.69 6.00
C SER D 181 -15.10 -11.61 5.34
N GLY D 182 -14.45 -11.12 4.29
CA GLY D 182 -13.41 -11.86 3.59
C GLY D 182 -13.84 -12.53 2.31
N ASN D 183 -15.13 -12.45 1.95
CA ASN D 183 -15.70 -13.20 0.83
C ASN D 183 -16.47 -12.30 -0.13
N SER D 184 -16.11 -11.01 -0.22
CA SER D 184 -16.77 -10.10 -1.14
C SER D 184 -15.74 -9.13 -1.70
N GLN D 185 -16.13 -8.46 -2.79
CA GLN D 185 -15.30 -7.48 -3.46
C GLN D 185 -16.18 -6.33 -3.93
N GLU D 186 -15.63 -5.12 -3.85
CA GLU D 186 -16.34 -3.90 -4.22
C GLU D 186 -15.71 -3.27 -5.44
N SER D 187 -16.48 -2.38 -6.07
CA SER D 187 -16.00 -1.65 -7.24
C SER D 187 -16.86 -0.40 -7.38
N VAL D 188 -16.22 0.76 -7.44
CA VAL D 188 -16.91 2.04 -7.55
C VAL D 188 -16.65 2.63 -8.93
N THR D 189 -17.62 3.37 -9.44
CA THR D 189 -17.43 4.08 -10.69
C THR D 189 -16.81 5.44 -10.45
N GLU D 190 -16.33 6.06 -11.52
CA GLU D 190 -15.97 7.46 -11.42
C GLU D 190 -17.24 8.30 -11.41
N GLN D 191 -17.09 9.57 -11.03
CA GLN D 191 -18.23 10.47 -10.91
C GLN D 191 -18.95 10.60 -12.25
N ASP D 192 -20.26 10.38 -12.24
CA ASP D 192 -21.05 10.46 -13.45
C ASP D 192 -20.92 11.84 -14.07
N SER D 193 -20.92 11.89 -15.41
CA SER D 193 -20.67 13.15 -16.10
C SER D 193 -21.81 14.14 -15.87
N LYS D 194 -23.04 13.65 -15.79
CA LYS D 194 -24.17 14.58 -15.73
C LYS D 194 -24.61 14.89 -14.30
N ASP D 195 -24.65 13.92 -13.39
CA ASP D 195 -25.17 14.20 -12.05
C ASP D 195 -24.13 14.01 -10.94
N SER D 196 -22.86 13.77 -11.29
CA SER D 196 -21.76 13.79 -10.33
C SER D 196 -21.92 12.78 -9.19
N THR D 197 -22.63 11.68 -9.44
CA THR D 197 -22.83 10.66 -8.42
C THR D 197 -21.85 9.51 -8.63
N TYR D 198 -21.77 8.66 -7.61
CA TYR D 198 -21.04 7.41 -7.68
C TYR D 198 -22.04 6.25 -7.67
N SER D 199 -21.60 5.13 -8.24
CA SER D 199 -22.32 3.87 -8.10
C SER D 199 -21.34 2.81 -7.64
N LEU D 200 -21.85 1.80 -6.93
CA LEU D 200 -21.02 0.79 -6.31
C LEU D 200 -21.66 -0.59 -6.45
N SER D 201 -20.85 -1.58 -6.80
CA SER D 201 -21.28 -2.96 -6.85
C SER D 201 -20.47 -3.78 -5.84
N SER D 202 -21.17 -4.58 -5.03
CA SER D 202 -20.56 -5.45 -4.03
C SER D 202 -20.92 -6.89 -4.35
N THR D 203 -19.92 -7.73 -4.56
CA THR D 203 -20.16 -9.10 -5.03
C THR D 203 -19.70 -10.12 -4.00
N LEU D 204 -20.67 -10.76 -3.34
CA LEU D 204 -20.44 -11.91 -2.48
C LEU D 204 -20.30 -13.17 -3.32
N THR D 205 -19.29 -13.99 -3.03
CA THR D 205 -19.00 -15.19 -3.82
C THR D 205 -18.82 -16.38 -2.89
N LEU D 206 -19.79 -17.28 -2.90
CA LEU D 206 -19.69 -18.57 -2.21
C LEU D 206 -19.61 -19.68 -3.23
N SER D 207 -19.10 -20.83 -2.79
CA SER D 207 -19.26 -22.03 -3.58
C SER D 207 -20.74 -22.38 -3.69
N LYS D 208 -21.07 -23.21 -4.69
CA LYS D 208 -22.44 -23.69 -4.81
C LYS D 208 -22.87 -24.46 -3.57
N ALA D 209 -21.98 -25.31 -3.05
CA ALA D 209 -22.25 -26.05 -1.84
C ALA D 209 -22.56 -25.13 -0.67
N ASP D 210 -21.73 -24.10 -0.47
CA ASP D 210 -21.93 -23.16 0.63
C ASP D 210 -23.19 -22.33 0.45
N TYR D 211 -23.43 -21.86 -0.78
CA TYR D 211 -24.59 -21.02 -1.03
C TYR D 211 -25.87 -21.77 -0.67
N GLU D 212 -25.94 -23.05 -1.02
CA GLU D 212 -27.15 -23.84 -0.76
C GLU D 212 -27.35 -24.16 0.71
N LYS D 213 -26.34 -23.93 1.57
CA LYS D 213 -26.49 -24.23 3.00
C LYS D 213 -27.39 -23.23 3.71
N HIS D 214 -27.61 -22.06 3.14
CA HIS D 214 -28.26 -20.97 3.84
C HIS D 214 -29.52 -20.56 3.11
N LYS D 215 -30.29 -19.69 3.75
CA LYS D 215 -31.61 -19.34 3.23
C LYS D 215 -31.71 -17.87 2.84
N VAL D 216 -31.53 -16.94 3.78
CA VAL D 216 -31.76 -15.52 3.52
C VAL D 216 -30.44 -14.83 3.24
N TYR D 217 -30.38 -14.12 2.11
CA TYR D 217 -29.19 -13.39 1.71
C TYR D 217 -29.55 -11.91 1.70
N ALA D 218 -28.79 -11.12 2.47
CA ALA D 218 -29.14 -9.73 2.70
C ALA D 218 -27.94 -8.83 2.49
N CYS D 219 -28.21 -7.66 1.92
CA CYS D 219 -27.23 -6.64 1.64
C CYS D 219 -27.65 -5.40 2.41
N GLU D 220 -26.85 -4.98 3.40
CA GLU D 220 -27.18 -3.83 4.23
C GLU D 220 -26.27 -2.66 3.88
N VAL D 221 -26.87 -1.51 3.56
CA VAL D 221 -26.16 -0.33 3.12
C VAL D 221 -26.38 0.78 4.13
N THR D 222 -25.29 1.41 4.57
CA THR D 222 -25.35 2.62 5.38
C THR D 222 -24.65 3.75 4.64
N HIS D 223 -25.30 4.90 4.57
CA HIS D 223 -24.81 6.03 3.78
C HIS D 223 -25.25 7.32 4.45
N GLN D 224 -24.47 8.38 4.23
CA GLN D 224 -24.81 9.68 4.81
C GLN D 224 -26.22 10.09 4.47
N GLY D 225 -26.64 9.85 3.22
CA GLY D 225 -28.00 10.20 2.82
C GLY D 225 -29.09 9.36 3.45
N LEU D 226 -28.74 8.25 4.10
CA LEU D 226 -29.71 7.34 4.67
C LEU D 226 -29.81 7.61 6.17
N SER D 227 -31.02 7.89 6.65
CA SER D 227 -31.21 8.17 8.07
C SER D 227 -31.10 6.91 8.91
N SER D 228 -31.29 5.74 8.29
CA SER D 228 -31.05 4.45 8.91
C SER D 228 -30.68 3.47 7.81
N PRO D 229 -29.91 2.43 8.14
CA PRO D 229 -29.44 1.51 7.10
C PRO D 229 -30.56 0.86 6.30
N VAL D 230 -30.34 0.77 4.99
CA VAL D 230 -31.26 0.12 4.06
C VAL D 230 -30.74 -1.29 3.78
N THR D 231 -31.62 -2.28 3.88
CA THR D 231 -31.30 -3.66 3.57
C THR D 231 -32.22 -4.17 2.46
N LYS D 232 -31.63 -4.74 1.41
CA LYS D 232 -32.36 -5.52 0.43
C LYS D 232 -31.98 -6.99 0.61
N SER D 233 -32.95 -7.87 0.47
CA SER D 233 -32.69 -9.29 0.72
C SER D 233 -33.54 -10.16 -0.21
N PHE D 234 -33.25 -11.44 -0.16
CA PHE D 234 -34.01 -12.48 -0.87
C PHE D 234 -33.81 -13.82 -0.18
N ASN D 235 -34.66 -14.79 -0.46
CA ASN D 235 -34.49 -16.14 0.12
C ASN D 235 -34.26 -17.12 -1.00
N ARG D 236 -33.27 -17.98 -0.87
CA ARG D 236 -33.00 -19.00 -1.91
C ARG D 236 -34.27 -19.77 -2.23
N GLY D 237 -34.84 -19.49 -3.40
CA GLY D 237 -36.09 -20.11 -3.86
C GLY D 237 -37.34 -19.40 -3.35
N ASP E 2 41.66 15.83 -2.70
CA ASP E 2 40.76 16.26 -1.64
C ASP E 2 39.43 16.73 -2.23
N LEU E 3 38.32 16.33 -1.59
CA LEU E 3 37.00 16.57 -2.16
C LEU E 3 36.70 18.05 -2.32
N GLU E 4 37.09 18.87 -1.33
CA GLU E 4 36.86 20.31 -1.43
C GLU E 4 37.63 20.92 -2.59
N ASP E 5 38.77 20.33 -2.94
CA ASP E 5 39.51 20.82 -4.09
C ASP E 5 38.76 20.48 -5.39
N ASN E 6 38.22 19.27 -5.46
CA ASN E 6 37.41 18.88 -6.62
C ASN E 6 36.27 19.88 -6.84
N TRP E 7 35.62 20.30 -5.75
CA TRP E 7 34.54 21.27 -5.89
C TRP E 7 35.07 22.67 -6.19
N GLU E 8 36.28 22.99 -5.74
CA GLU E 8 36.91 24.23 -6.15
C GLU E 8 37.12 24.24 -7.66
N THR E 9 37.70 23.17 -8.19
CA THR E 9 37.82 23.03 -9.64
C THR E 9 36.47 23.19 -10.32
N LEU E 10 35.49 22.40 -9.87
CA LEU E 10 34.18 22.41 -10.49
C LEU E 10 33.57 23.81 -10.47
N ASN E 11 33.63 24.47 -9.31
CA ASN E 11 33.06 25.80 -9.19
C ASN E 11 33.79 26.81 -10.05
N ASP E 12 35.12 26.77 -10.05
CA ASP E 12 35.90 27.73 -10.83
C ASP E 12 35.60 27.58 -12.32
N ASN E 13 35.56 26.34 -12.81
CA ASN E 13 35.46 26.11 -14.25
C ASN E 13 34.06 26.35 -14.79
N LEU E 14 33.02 26.25 -13.96
CA LEU E 14 31.71 26.68 -14.41
C LEU E 14 31.75 28.15 -14.81
N LYS E 15 32.35 28.99 -13.95
CA LYS E 15 32.56 30.41 -14.25
C LYS E 15 33.27 30.58 -15.59
N VAL E 16 34.39 29.87 -15.79
CA VAL E 16 35.09 29.88 -17.07
C VAL E 16 34.13 29.62 -18.22
N ILE E 17 33.26 28.62 -18.06
CA ILE E 17 32.35 28.24 -19.13
C ILE E 17 31.42 29.40 -19.47
N GLU E 18 30.88 30.06 -18.46
CA GLU E 18 29.90 31.11 -18.70
C GLU E 18 30.54 32.34 -19.36
N LYS E 19 31.84 32.54 -19.13
CA LYS E 19 32.56 33.70 -19.68
C LYS E 19 33.47 33.33 -20.85
N ALA E 20 33.07 32.37 -21.66
CA ALA E 20 33.92 31.86 -22.73
C ALA E 20 33.44 32.36 -24.08
N ASP E 21 34.31 32.15 -25.09
CA ASP E 21 34.09 32.64 -26.45
C ASP E 21 33.85 31.49 -27.40
N ASN E 22 34.86 30.64 -27.63
CA ASN E 22 34.72 29.55 -28.57
C ASN E 22 34.36 28.26 -27.82
N ALA E 23 34.24 27.17 -28.57
CA ALA E 23 33.97 25.89 -27.93
C ALA E 23 35.22 25.31 -27.29
N ALA E 24 36.38 25.51 -27.92
CA ALA E 24 37.61 24.92 -27.41
C ALA E 24 37.85 25.33 -25.96
N GLN E 25 37.37 26.51 -25.56
CA GLN E 25 37.50 26.96 -24.17
C GLN E 25 36.68 26.08 -23.24
N VAL E 26 35.37 26.01 -23.47
CA VAL E 26 34.53 25.22 -22.57
C VAL E 26 34.90 23.75 -22.65
N LYS E 27 35.32 23.27 -23.83
CA LYS E 27 35.71 21.87 -23.94
C LYS E 27 36.84 21.55 -22.98
N ASP E 28 37.72 22.50 -22.72
CA ASP E 28 38.84 22.24 -21.79
C ASP E 28 38.35 22.37 -20.35
N ALA E 29 37.52 23.38 -20.10
CA ALA E 29 36.97 23.56 -18.75
C ALA E 29 36.11 22.35 -18.42
N LEU E 30 35.30 21.90 -19.36
CA LEU E 30 34.44 20.72 -19.14
C LEU E 30 35.30 19.50 -18.92
N THR E 31 36.40 19.36 -19.62
CA THR E 31 37.26 18.18 -19.41
C THR E 31 37.75 18.19 -17.96
N LYS E 32 38.20 19.34 -17.49
CA LYS E 32 38.67 19.43 -16.10
C LYS E 32 37.52 19.14 -15.15
N MET E 33 36.34 19.68 -15.41
CA MET E 33 35.21 19.43 -14.51
C MET E 33 34.88 17.95 -14.47
N ARG E 34 34.92 17.27 -15.61
CA ARG E 34 34.58 15.84 -15.61
C ARG E 34 35.58 15.07 -14.77
N ALA E 35 36.85 15.39 -14.91
CA ALA E 35 37.85 14.68 -14.11
C ALA E 35 37.63 14.95 -12.63
N ALA E 36 37.34 16.20 -12.29
CA ALA E 36 37.14 16.58 -10.88
C ALA E 36 35.93 15.84 -10.33
N ALA E 37 34.86 15.77 -11.09
CA ALA E 37 33.65 15.09 -10.60
C ALA E 37 33.97 13.63 -10.36
N LEU E 38 34.72 12.99 -11.25
CA LEU E 38 34.99 11.56 -11.02
C LEU E 38 35.86 11.36 -9.79
N ASP E 39 36.70 12.30 -9.47
CA ASP E 39 37.58 12.24 -8.28
C ASP E 39 36.78 12.43 -7.01
N ALA E 40 35.82 13.35 -7.06
CA ALA E 40 34.94 13.68 -5.92
C ALA E 40 34.11 12.47 -5.52
N GLN E 41 33.68 11.68 -6.49
CA GLN E 41 32.88 10.47 -6.28
C GLN E 41 33.66 9.44 -5.46
N LYS E 42 34.98 9.37 -5.60
CA LYS E 42 35.76 8.40 -4.82
C LYS E 42 36.06 8.95 -3.44
N ALA E 43 35.77 10.22 -3.16
CA ALA E 43 36.02 10.77 -1.83
C ALA E 43 34.83 10.50 -0.92
N THR E 44 34.86 11.06 0.29
CA THR E 44 33.76 10.95 1.22
C THR E 44 33.65 12.30 1.91
N PRO E 45 32.44 12.80 2.13
CA PRO E 45 32.26 14.13 2.76
C PRO E 45 32.34 14.03 4.27
N PRO E 46 32.49 15.17 4.98
CA PRO E 46 32.73 15.15 6.43
C PRO E 46 31.84 14.22 7.26
N LYS E 47 30.51 14.45 7.26
CA LYS E 47 29.61 13.75 8.17
C LYS E 47 29.68 12.24 8.03
N LEU E 48 30.14 11.74 6.88
CA LEU E 48 30.17 10.30 6.66
C LEU E 48 31.59 9.79 6.60
N GLU E 49 32.54 10.53 7.20
CA GLU E 49 33.89 10.01 7.31
C GLU E 49 33.97 8.85 8.29
N ASP E 50 33.02 8.77 9.22
CA ASP E 50 32.99 7.70 10.19
C ASP E 50 31.77 6.80 9.97
N LYS E 51 31.52 6.47 8.70
CA LYS E 51 30.44 5.59 8.29
C LYS E 51 31.00 4.56 7.32
N SER E 52 30.28 3.46 7.17
CA SER E 52 30.72 2.42 6.25
C SER E 52 30.72 2.93 4.82
N PRO E 53 31.72 2.57 4.02
CA PRO E 53 31.72 2.96 2.59
C PRO E 53 30.66 2.28 1.75
N ASP E 54 29.85 1.40 2.33
CA ASP E 54 28.69 0.82 1.67
C ASP E 54 27.38 1.23 2.33
N SER E 55 27.42 2.20 3.24
CA SER E 55 26.20 2.70 3.84
C SER E 55 25.30 3.31 2.78
N PRO E 56 23.98 3.31 3.00
CA PRO E 56 23.09 3.98 2.05
C PRO E 56 23.41 5.45 1.87
N GLU E 57 24.02 6.08 2.87
CA GLU E 57 24.40 7.49 2.75
C GLU E 57 25.58 7.66 1.81
N MET E 58 26.53 6.72 1.87
CA MET E 58 27.68 6.76 0.97
C MET E 58 27.30 6.42 -0.45
N LYS E 59 26.26 5.61 -0.63
CA LYS E 59 25.80 5.32 -1.99
C LYS E 59 25.03 6.52 -2.55
N ASP E 60 24.20 7.16 -1.73
CA ASP E 60 23.56 8.41 -2.15
C ASP E 60 24.60 9.41 -2.62
N PHE E 61 25.65 9.59 -1.82
CA PHE E 61 26.69 10.56 -2.16
C PHE E 61 27.31 10.24 -3.51
N ARG E 62 27.58 8.97 -3.78
CA ARG E 62 28.24 8.62 -5.02
C ARG E 62 27.29 8.68 -6.21
N HIS E 63 26.01 8.38 -6.01
CA HIS E 63 25.08 8.39 -7.13
C HIS E 63 24.81 9.79 -7.64
N GLY E 64 24.86 10.79 -6.77
CA GLY E 64 24.70 12.16 -7.22
C GLY E 64 25.69 12.55 -8.31
N PHE E 65 26.93 12.09 -8.18
CA PHE E 65 27.95 12.41 -9.17
C PHE E 65 27.69 11.72 -10.49
N ASP E 66 26.99 10.59 -10.48
CA ASP E 66 26.56 9.97 -11.73
C ASP E 66 25.74 10.95 -12.55
N ILE E 67 24.80 11.65 -11.90
CA ILE E 67 24.05 12.71 -12.58
C ILE E 67 25.00 13.83 -13.03
N LEU E 68 25.89 14.26 -12.13
CA LEU E 68 26.75 15.40 -12.45
C LEU E 68 27.68 15.06 -13.60
N VAL E 69 28.32 13.89 -13.55
CA VAL E 69 29.17 13.48 -14.65
C VAL E 69 28.36 13.40 -15.93
N GLY E 70 27.14 12.86 -15.85
CA GLY E 70 26.29 12.79 -17.02
C GLY E 70 26.00 14.16 -17.61
N GLN E 71 25.69 15.13 -16.75
CA GLN E 71 25.40 16.47 -17.24
C GLN E 71 26.64 17.15 -17.82
N ILE E 72 27.81 16.86 -17.27
CA ILE E 72 29.05 17.33 -17.87
C ILE E 72 29.23 16.72 -19.24
N ASP E 73 29.12 15.38 -19.31
CA ASP E 73 29.24 14.67 -20.58
C ASP E 73 28.26 15.19 -21.61
N ASP E 74 27.06 15.58 -21.18
CA ASP E 74 26.10 16.23 -22.06
C ASP E 74 26.72 17.47 -22.69
N ALA E 75 27.10 18.45 -21.85
CA ALA E 75 27.64 19.70 -22.36
C ALA E 75 28.96 19.47 -23.09
N LEU E 76 29.76 18.50 -22.62
CA LEU E 76 31.00 18.17 -23.30
C LEU E 76 30.73 17.84 -24.77
N LYS E 77 29.80 16.93 -25.01
CA LYS E 77 29.48 16.51 -26.39
C LYS E 77 29.05 17.73 -27.20
N LEU E 78 28.19 18.58 -26.66
CA LEU E 78 27.78 19.78 -27.42
C LEU E 78 29.00 20.67 -27.66
N ALA E 79 29.88 20.77 -26.67
CA ALA E 79 31.09 21.60 -26.82
C ALA E 79 31.98 20.96 -27.88
N ASN E 80 32.05 19.65 -27.90
CA ASN E 80 32.87 18.93 -28.90
C ASN E 80 32.38 19.23 -30.31
N GLU E 81 31.07 19.38 -30.52
CA GLU E 81 30.57 19.66 -31.90
C GLU E 81 30.29 21.13 -32.13
N GLY E 82 30.86 22.00 -31.32
CA GLY E 82 30.81 23.46 -31.56
C GLY E 82 29.52 24.16 -31.20
N LYS E 83 28.48 23.43 -30.86
CA LYS E 83 27.23 24.09 -30.46
C LYS E 83 27.48 24.80 -29.12
N VAL E 84 28.14 25.95 -29.18
CA VAL E 84 28.78 26.52 -28.00
C VAL E 84 27.75 27.15 -27.07
N LYS E 85 26.82 27.94 -27.61
CA LYS E 85 25.77 28.48 -26.77
C LYS E 85 24.96 27.36 -26.12
N GLU E 86 24.84 26.22 -26.81
CA GLU E 86 24.09 25.10 -26.27
C GLU E 86 24.86 24.41 -25.14
N ALA E 87 26.15 24.16 -25.36
CA ALA E 87 26.98 23.62 -24.29
C ALA E 87 26.98 24.53 -23.08
N GLN E 88 26.88 25.84 -23.30
CA GLN E 88 26.75 26.77 -22.18
C GLN E 88 25.44 26.56 -21.45
N ALA E 89 24.33 26.47 -22.18
CA ALA E 89 23.03 26.25 -21.54
C ALA E 89 22.99 24.91 -20.83
N ALA E 90 23.61 23.89 -21.42
CA ALA E 90 23.70 22.60 -20.75
C ALA E 90 24.46 22.72 -19.44
N ALA E 91 25.55 23.49 -19.44
CA ALA E 91 26.37 23.63 -18.25
C ALA E 91 25.68 24.40 -17.12
N GLU E 92 24.68 25.24 -17.42
CA GLU E 92 24.04 25.98 -16.34
C GLU E 92 23.04 25.15 -15.55
N GLN E 93 22.72 23.95 -16.02
CA GLN E 93 21.98 23.02 -15.17
C GLN E 93 22.87 22.45 -14.06
N LEU E 94 24.19 22.46 -14.27
CA LEU E 94 25.12 22.09 -13.20
C LEU E 94 24.91 22.96 -11.97
N LYS E 95 24.37 24.17 -12.15
CA LYS E 95 24.02 25.01 -11.01
C LYS E 95 22.99 24.33 -10.13
N THR E 96 21.95 23.75 -10.73
CA THR E 96 20.95 23.05 -9.93
C THR E 96 21.54 21.82 -9.25
N THR E 97 22.36 21.06 -9.96
CA THR E 97 22.99 19.89 -9.37
C THR E 97 23.83 20.27 -8.16
N ARG E 98 24.55 21.39 -8.26
CA ARG E 98 25.43 21.81 -7.17
C ARG E 98 24.65 22.41 -5.99
N ASN E 99 23.51 23.06 -6.25
CA ASN E 99 22.64 23.48 -5.16
C ASN E 99 22.23 22.27 -4.33
N ALA E 100 21.80 21.20 -5.01
CA ALA E 100 21.44 19.98 -4.30
C ALA E 100 22.59 19.52 -3.41
N TYR E 101 23.83 19.59 -3.92
CA TYR E 101 24.96 19.14 -3.12
C TYR E 101 25.10 19.97 -1.85
N ILE E 102 25.07 21.31 -1.99
CA ILE E 102 25.31 22.13 -0.81
C ILE E 102 24.10 22.14 0.13
N GLN E 103 22.93 21.75 -0.36
CA GLN E 103 21.80 21.61 0.56
C GLN E 103 21.90 20.37 1.44
N LYS E 104 22.83 19.46 1.15
CA LYS E 104 22.91 18.17 1.81
C LYS E 104 24.21 17.95 2.57
N TYR E 105 25.35 18.38 2.03
CA TYR E 105 26.66 18.09 2.59
C TYR E 105 27.35 19.38 2.99
N LEU E 106 28.36 19.28 3.85
CA LEU E 106 29.24 20.42 4.07
C LEU E 106 30.09 20.66 2.83
N ASP F 2 12.66 -41.34 -12.38
CA ASP F 2 11.24 -41.13 -12.70
C ASP F 2 10.50 -40.53 -11.49
N LEU F 3 9.59 -39.60 -11.78
CA LEU F 3 8.87 -38.88 -10.73
C LEU F 3 7.81 -39.76 -10.07
N GLU F 4 6.96 -40.42 -10.86
CA GLU F 4 5.86 -41.18 -10.29
C GLU F 4 6.37 -42.33 -9.43
N ASP F 5 7.48 -42.96 -9.84
CA ASP F 5 8.14 -43.94 -9.00
C ASP F 5 8.57 -43.33 -7.67
N ASN F 6 9.23 -42.17 -7.74
CA ASN F 6 9.73 -41.50 -6.55
C ASN F 6 8.62 -41.33 -5.51
N TRP F 7 7.42 -40.98 -5.95
CA TRP F 7 6.32 -40.83 -5.01
C TRP F 7 5.83 -42.17 -4.49
N GLU F 8 5.82 -43.20 -5.35
CA GLU F 8 5.52 -44.56 -4.89
C GLU F 8 6.43 -44.95 -3.74
N THR F 9 7.73 -44.74 -3.90
CA THR F 9 8.68 -44.90 -2.81
C THR F 9 8.21 -44.19 -1.55
N LEU F 10 8.00 -42.87 -1.64
CA LEU F 10 7.67 -42.07 -0.46
C LEU F 10 6.38 -42.54 0.19
N ASN F 11 5.34 -42.80 -0.61
CA ASN F 11 4.06 -43.22 -0.02
C ASN F 11 4.17 -44.59 0.62
N ASP F 12 4.87 -45.51 -0.04
CA ASP F 12 5.06 -46.84 0.54
C ASP F 12 5.83 -46.76 1.85
N ASN F 13 6.98 -46.08 1.83
CA ASN F 13 7.83 -46.04 3.01
C ASN F 13 7.19 -45.28 4.16
N LEU F 14 6.37 -44.27 3.86
CA LEU F 14 5.59 -43.65 4.92
C LEU F 14 4.77 -44.71 5.66
N LYS F 15 4.05 -45.56 4.91
CA LYS F 15 3.28 -46.64 5.52
C LYS F 15 4.18 -47.54 6.36
N VAL F 16 5.41 -47.78 5.87
CA VAL F 16 6.35 -48.62 6.62
C VAL F 16 6.63 -48.03 7.98
N ILE F 17 6.84 -46.70 8.05
CA ILE F 17 7.06 -46.04 9.33
C ILE F 17 5.86 -46.23 10.25
N GLU F 18 4.64 -45.99 9.72
CA GLU F 18 3.45 -46.07 10.57
C GLU F 18 3.31 -47.46 11.18
N LYS F 19 3.58 -48.49 10.39
CA LYS F 19 3.39 -49.89 10.75
C LYS F 19 4.62 -50.51 11.41
N ALA F 20 5.68 -49.75 11.64
CA ALA F 20 6.97 -50.31 12.00
C ALA F 20 6.95 -50.93 13.40
N ASP F 21 7.77 -51.99 13.55
CA ASP F 21 7.94 -52.71 14.81
C ASP F 21 9.20 -52.34 15.55
N ASN F 22 10.22 -51.86 14.84
CA ASN F 22 11.51 -51.56 15.44
C ASN F 22 12.08 -50.31 14.82
N ALA F 23 12.93 -49.63 15.59
CA ALA F 23 13.52 -48.36 15.16
C ALA F 23 14.27 -48.49 13.85
N ALA F 24 14.92 -49.64 13.61
CA ALA F 24 15.64 -49.84 12.36
C ALA F 24 14.72 -49.72 11.16
N GLN F 25 13.46 -50.11 11.31
CA GLN F 25 12.51 -49.99 10.20
C GLN F 25 12.30 -48.54 9.82
N VAL F 26 12.06 -47.67 10.81
CA VAL F 26 11.70 -46.29 10.51
C VAL F 26 12.89 -45.53 9.95
N LYS F 27 14.11 -45.81 10.46
CA LYS F 27 15.27 -45.12 9.93
C LYS F 27 15.56 -45.53 8.49
N ASP F 28 15.48 -46.82 8.20
CA ASP F 28 15.74 -47.27 6.84
C ASP F 28 14.66 -46.76 5.89
N ALA F 29 13.42 -46.63 6.39
CA ALA F 29 12.37 -46.03 5.58
C ALA F 29 12.67 -44.57 5.27
N LEU F 30 12.95 -43.77 6.31
CA LEU F 30 13.25 -42.36 6.11
C LEU F 30 14.40 -42.18 5.12
N THR F 31 15.46 -42.98 5.27
CA THR F 31 16.60 -42.87 4.36
C THR F 31 16.17 -43.09 2.92
N LYS F 32 15.32 -44.09 2.68
CA LYS F 32 14.79 -44.32 1.34
C LYS F 32 13.98 -43.12 0.87
N MET F 33 13.18 -42.53 1.77
CA MET F 33 12.33 -41.41 1.39
C MET F 33 13.16 -40.19 1.03
N ARG F 34 14.26 -39.96 1.75
CA ARG F 34 15.08 -38.78 1.47
C ARG F 34 15.67 -38.85 0.06
N ALA F 35 16.12 -40.02 -0.37
CA ALA F 35 16.71 -40.11 -1.70
C ALA F 35 15.65 -39.92 -2.78
N ALA F 36 14.49 -40.58 -2.61
CA ALA F 36 13.39 -40.40 -3.57
C ALA F 36 13.00 -38.93 -3.66
N ALA F 37 12.85 -38.26 -2.51
CA ALA F 37 12.56 -36.83 -2.51
C ALA F 37 13.62 -36.04 -3.28
N LEU F 38 14.89 -36.17 -2.85
CA LEU F 38 15.98 -35.49 -3.56
C LEU F 38 16.01 -35.87 -5.03
N ASP F 39 15.67 -37.11 -5.35
CA ASP F 39 15.59 -37.52 -6.74
C ASP F 39 14.49 -36.77 -7.48
N ALA F 40 13.29 -36.71 -6.89
CA ALA F 40 12.16 -36.08 -7.55
C ALA F 40 12.43 -34.60 -7.81
N GLN F 41 13.13 -33.94 -6.88
CA GLN F 41 13.42 -32.51 -6.99
C GLN F 41 14.04 -32.15 -8.34
N LYS F 42 14.87 -33.05 -8.88
CA LYS F 42 15.56 -32.81 -10.15
C LYS F 42 14.74 -33.21 -11.37
N ALA F 43 13.55 -33.77 -11.19
CA ALA F 43 12.66 -34.07 -12.30
C ALA F 43 11.87 -32.83 -12.69
N THR F 44 10.98 -32.99 -13.68
CA THR F 44 10.02 -31.94 -14.10
C THR F 44 8.71 -32.66 -14.41
N PRO F 45 7.59 -32.22 -13.86
CA PRO F 45 6.34 -32.94 -14.05
C PRO F 45 5.57 -32.45 -15.25
N PRO F 46 4.66 -33.27 -15.76
CA PRO F 46 3.78 -32.87 -16.87
C PRO F 46 3.27 -31.43 -16.87
N LYS F 47 2.66 -30.96 -15.78
CA LYS F 47 2.06 -29.62 -15.83
C LYS F 47 3.06 -28.55 -16.21
N LEU F 48 4.36 -28.83 -16.05
CA LEU F 48 5.41 -27.89 -16.42
C LEU F 48 6.32 -28.47 -17.51
N GLU F 49 5.78 -29.33 -18.38
CA GLU F 49 6.58 -30.01 -19.39
C GLU F 49 7.50 -29.05 -20.13
N ASP F 50 6.92 -28.01 -20.68
CA ASP F 50 7.64 -27.08 -21.54
C ASP F 50 7.74 -25.72 -20.87
N LYS F 51 8.17 -25.71 -19.61
CA LYS F 51 8.47 -24.50 -18.87
C LYS F 51 9.98 -24.40 -18.67
N SER F 52 10.52 -23.19 -18.73
CA SER F 52 11.94 -23.00 -18.55
C SER F 52 12.38 -23.53 -17.19
N PRO F 53 13.60 -24.10 -17.09
CA PRO F 53 14.08 -24.52 -15.77
C PRO F 53 14.30 -23.37 -14.82
N ASP F 54 14.38 -22.14 -15.33
CA ASP F 54 14.55 -20.96 -14.51
C ASP F 54 13.24 -20.27 -14.19
N SER F 55 12.13 -20.78 -14.70
CA SER F 55 10.85 -20.11 -14.56
C SER F 55 10.39 -20.08 -13.11
N PRO F 56 9.39 -19.24 -12.80
CA PRO F 56 8.73 -19.35 -11.48
C PRO F 56 8.21 -20.74 -11.17
N GLU F 57 7.54 -21.38 -12.13
CA GLU F 57 6.91 -22.68 -11.88
C GLU F 57 7.95 -23.73 -11.47
N MET F 58 9.12 -23.71 -12.11
CA MET F 58 10.17 -24.66 -11.81
C MET F 58 10.90 -24.32 -10.52
N LYS F 59 11.06 -23.02 -10.23
CA LYS F 59 11.55 -22.62 -8.91
C LYS F 59 10.60 -23.11 -7.82
N ASP F 60 9.29 -22.96 -8.04
CA ASP F 60 8.31 -23.45 -7.07
C ASP F 60 8.42 -24.96 -6.90
N PHE F 61 8.51 -25.69 -8.00
CA PHE F 61 8.65 -27.15 -7.95
C PHE F 61 9.81 -27.56 -7.05
N ARG F 62 11.01 -27.04 -7.34
CA ARG F 62 12.15 -27.45 -6.52
C ARG F 62 12.07 -26.89 -5.11
N HIS F 63 11.42 -25.75 -4.90
CA HIS F 63 11.30 -25.20 -3.55
C HIS F 63 10.45 -26.11 -2.67
N GLY F 64 9.30 -26.56 -3.18
CA GLY F 64 8.47 -27.46 -2.41
C GLY F 64 9.23 -28.69 -1.94
N PHE F 65 10.11 -29.21 -2.77
CA PHE F 65 10.91 -30.36 -2.35
C PHE F 65 11.91 -29.98 -1.27
N ASP F 66 12.33 -28.72 -1.19
CA ASP F 66 13.15 -28.31 -0.06
C ASP F 66 12.41 -28.45 1.26
N ILE F 67 11.08 -28.30 1.23
CA ILE F 67 10.30 -28.52 2.44
C ILE F 67 10.22 -30.02 2.74
N LEU F 68 9.84 -30.81 1.73
CA LEU F 68 9.69 -32.25 1.91
C LEU F 68 10.99 -32.89 2.40
N VAL F 69 12.12 -32.49 1.81
CA VAL F 69 13.40 -33.02 2.29
C VAL F 69 13.66 -32.55 3.72
N GLY F 70 13.41 -31.26 3.99
CA GLY F 70 13.63 -30.77 5.34
C GLY F 70 12.83 -31.52 6.38
N GLN F 71 11.54 -31.76 6.09
CA GLN F 71 10.69 -32.51 7.01
C GLN F 71 11.18 -33.95 7.19
N ILE F 72 11.63 -34.58 6.10
CA ILE F 72 12.24 -35.91 6.22
C ILE F 72 13.48 -35.83 7.11
N ASP F 73 14.41 -34.95 6.76
CA ASP F 73 15.62 -34.73 7.57
C ASP F 73 15.28 -34.58 9.04
N ASP F 74 14.21 -33.83 9.34
CA ASP F 74 13.74 -33.68 10.72
C ASP F 74 13.42 -35.03 11.34
N ALA F 75 12.62 -35.83 10.66
CA ALA F 75 12.27 -37.13 11.19
C ALA F 75 13.51 -38.01 11.34
N LEU F 76 14.40 -37.98 10.33
CA LEU F 76 15.62 -38.77 10.39
C LEU F 76 16.47 -38.40 11.60
N LYS F 77 16.57 -37.10 11.90
CA LYS F 77 17.38 -36.68 13.05
C LYS F 77 16.79 -37.16 14.35
N LEU F 78 15.46 -37.07 14.49
CA LEU F 78 14.80 -37.56 15.68
C LEU F 78 15.03 -39.06 15.83
N ALA F 79 14.92 -39.80 14.73
CA ALA F 79 15.17 -41.24 14.76
C ALA F 79 16.61 -41.52 15.16
N ASN F 80 17.57 -40.90 14.45
CA ASN F 80 18.98 -41.12 14.76
C ASN F 80 19.32 -40.75 16.21
N GLU F 81 18.55 -39.86 16.83
CA GLU F 81 18.80 -39.47 18.21
C GLU F 81 18.00 -40.30 19.21
N GLY F 82 17.28 -41.32 18.76
CA GLY F 82 16.49 -42.14 19.65
C GLY F 82 15.10 -41.63 19.95
N LYS F 83 14.72 -40.47 19.42
CA LYS F 83 13.36 -39.96 19.57
C LYS F 83 12.46 -40.57 18.51
N VAL F 84 12.37 -41.90 18.55
CA VAL F 84 11.84 -42.68 17.43
C VAL F 84 10.33 -42.54 17.33
N LYS F 85 9.63 -42.49 18.48
CA LYS F 85 8.20 -42.17 18.43
C LYS F 85 7.96 -40.80 17.82
N GLU F 86 8.76 -39.80 18.22
CA GLU F 86 8.68 -38.47 17.64
C GLU F 86 8.94 -38.50 16.14
N ALA F 87 9.97 -39.23 15.71
CA ALA F 87 10.23 -39.35 14.28
C ALA F 87 9.02 -39.90 13.54
N GLN F 88 8.23 -40.77 14.18
CA GLN F 88 7.07 -41.33 13.52
C GLN F 88 5.97 -40.28 13.38
N ALA F 89 5.68 -39.55 14.47
CA ALA F 89 4.71 -38.45 14.39
C ALA F 89 5.16 -37.40 13.40
N ALA F 90 6.45 -37.06 13.42
CA ALA F 90 7.00 -36.13 12.44
C ALA F 90 6.63 -36.56 11.02
N ALA F 91 6.74 -37.86 10.73
CA ALA F 91 6.54 -38.33 9.37
C ALA F 91 5.09 -38.19 8.92
N GLU F 92 4.14 -38.19 9.87
CA GLU F 92 2.75 -37.97 9.49
C GLU F 92 2.57 -36.62 8.80
N GLN F 93 3.43 -35.65 9.10
CA GLN F 93 3.29 -34.34 8.49
C GLN F 93 3.47 -34.39 6.98
N LEU F 94 4.27 -35.33 6.48
CA LEU F 94 4.48 -35.44 5.05
C LEU F 94 3.20 -35.73 4.28
N LYS F 95 2.13 -36.12 4.97
CA LYS F 95 0.83 -36.23 4.29
C LYS F 95 0.32 -34.86 3.88
N THR F 96 0.46 -33.85 4.76
CA THR F 96 0.09 -32.49 4.39
C THR F 96 0.92 -32.00 3.22
N THR F 97 2.24 -32.17 3.30
CA THR F 97 3.12 -31.82 2.19
C THR F 97 2.70 -32.53 0.91
N ARG F 98 2.40 -33.82 1.02
CA ARG F 98 2.02 -34.61 -0.15
C ARG F 98 0.70 -34.12 -0.75
N ASN F 99 -0.26 -33.78 0.11
CA ASN F 99 -1.53 -33.24 -0.37
C ASN F 99 -1.33 -31.94 -1.13
N ALA F 100 -0.41 -31.08 -0.69
CA ALA F 100 -0.14 -29.86 -1.42
C ALA F 100 0.44 -30.16 -2.79
N TYR F 101 1.20 -31.24 -2.92
CA TYR F 101 1.72 -31.63 -4.22
C TYR F 101 0.59 -32.05 -5.17
N ILE F 102 -0.21 -33.04 -4.76
CA ILE F 102 -1.24 -33.55 -5.66
C ILE F 102 -2.20 -32.42 -6.04
N GLN F 103 -2.52 -31.55 -5.07
CA GLN F 103 -3.43 -30.44 -5.32
C GLN F 103 -2.92 -29.56 -6.47
N LYS F 104 -1.60 -29.34 -6.52
CA LYS F 104 -1.00 -28.36 -7.42
C LYS F 104 -0.62 -28.96 -8.78
N TYR F 105 -0.15 -30.20 -8.82
CA TYR F 105 0.41 -30.77 -10.04
C TYR F 105 -0.43 -31.88 -10.65
N LEU F 106 -1.57 -32.21 -10.05
CA LEU F 106 -2.42 -33.26 -10.62
C LEU F 106 -3.89 -32.86 -10.48
#